data_7Z1X
#
_entry.id   7Z1X
#
_cell.length_a   108.353
_cell.length_b   108.353
_cell.length_c   124.041
_cell.angle_alpha   90.00
_cell.angle_beta   90.00
_cell.angle_gamma   120.00
#
_symmetry.space_group_name_H-M   'P 31'
#
loop_
_entity.id
_entity.type
_entity.pdbx_description
1 polymer Gasdermin-D
2 polymer VHH-2
3 polymer VHH-6
4 water water
#
loop_
_entity_poly.entity_id
_entity_poly.type
_entity_poly.pdbx_seq_one_letter_code
_entity_poly.pdbx_strand_id
1 'polypeptide(L)'
;MGSAFERVVRRVVQELDHGGEFIPVTSLQSSTGFQPYCLVVRKPSSSWFWKPRYKCVNLSIKDILEPDAAEPDVQRGRSF
HFYDAMDGQIQGSVELAAPGQAKIAGGAAVSDSSSTSMNVYSLSVDPNTWQTLLHERHLRQPEHKVLQQLRSRGDNVYVV
TEVLQTQKEVEVTRTHKREGSGREGQGHLSQKKTVTIPSGSTLAFRVAQLVIDSDLDVLLFPDKKQRTFQPPATGLTDGV
PAEGAFTEDFQGLRAEVETISKELELLDRELCQLLLEGLEGVLRDQLALRALEEALEQGQSLGPVEPLDGPAGAVLECLV
LSSGMLVPELAIPVVYLLGALTMLSETQHKLLAEALESQTLLGPLELVGSLLEQSAPWQERSTMSLPPGLLGNSWGEGAP
AWVLLDECGLELGEDTPHVCWEPQAQGRMCALYASLALLSGLSQEPH
;
A,D
2 'polypeptide(L)'
;QVQLVESGGGLVQPGGSLRLSCVDSRSWINVYGANWYRQAPGKERELVAALTSGGTTNYADSVKGRFTISRDNAKNTVYL
QMRDLKPEDTAVYYCNLERYTGSSVYPWGQGTQVTVSSGGLPETGGHHHHHH
;
B,E
3 'polypeptide(L)'
;QVQLVETGGGLVQPGGSLRLSCTASGFIFSANQMNWVRQAPGKGLEWLSGISTRGDTTSYADSVKGRFTISRDNAKNTLY
LQMNSLQPDDTAVYFCARVCIRGPEPKLRCDDWGQGTQVTVSSGGYPYDVPDYAGHHHHHH
;
C,F
#
# COMPACT_ATOMS: atom_id res chain seq x y z
N GLY A 2 -29.42 12.97 -17.24
CA GLY A 2 -28.33 13.25 -16.35
C GLY A 2 -28.38 12.41 -15.09
N SER A 3 -27.31 11.66 -14.85
CA SER A 3 -27.07 10.84 -13.67
C SER A 3 -27.82 9.50 -13.71
N ALA A 4 -28.61 9.23 -14.75
CA ALA A 4 -29.47 8.06 -14.72
C ALA A 4 -28.68 6.78 -14.93
N PHE A 5 -28.04 6.65 -16.10
CA PHE A 5 -27.25 5.45 -16.37
C PHE A 5 -26.19 5.24 -15.30
N GLU A 6 -25.65 6.33 -14.77
CA GLU A 6 -24.61 6.21 -13.76
C GLU A 6 -25.13 5.59 -12.48
N ARG A 7 -26.39 5.82 -12.14
CA ARG A 7 -26.94 5.22 -10.94
C ARG A 7 -27.14 3.72 -11.11
N VAL A 8 -27.48 3.28 -12.32
CA VAL A 8 -27.66 1.86 -12.56
C VAL A 8 -26.32 1.13 -12.48
N VAL A 9 -25.27 1.74 -13.02
CA VAL A 9 -23.97 1.11 -13.00
C VAL A 9 -23.53 0.83 -11.58
N ARG A 10 -23.62 1.84 -10.71
CA ARG A 10 -23.14 1.65 -9.34
C ARG A 10 -23.93 0.57 -8.62
N ARG A 11 -25.24 0.51 -8.88
CA ARG A 11 -26.05 -0.51 -8.24
C ARG A 11 -25.62 -1.91 -8.65
N VAL A 12 -25.40 -2.10 -9.96
CA VAL A 12 -25.05 -3.43 -10.43
C VAL A 12 -23.73 -3.89 -9.85
N VAL A 13 -22.75 -2.97 -9.82
CA VAL A 13 -21.42 -3.34 -9.33
C VAL A 13 -21.49 -3.72 -7.87
N GLN A 14 -22.15 -2.90 -7.06
CA GLN A 14 -22.25 -3.19 -5.65
C GLN A 14 -22.88 -4.55 -5.40
N GLU A 15 -23.79 -4.96 -6.26
CA GLU A 15 -24.47 -6.23 -6.05
C GLU A 15 -23.68 -7.39 -6.61
N LEU A 16 -22.98 -7.19 -7.71
CA LEU A 16 -22.30 -8.27 -8.39
C LEU A 16 -20.79 -8.27 -8.21
N ASP A 17 -20.18 -7.12 -7.92
CA ASP A 17 -18.73 -7.02 -7.76
C ASP A 17 -18.40 -7.15 -6.29
N HIS A 18 -18.26 -8.39 -5.83
CA HIS A 18 -17.90 -8.62 -4.45
C HIS A 18 -16.42 -8.35 -4.18
N GLY A 19 -15.55 -8.61 -5.15
CA GLY A 19 -14.13 -8.43 -4.95
C GLY A 19 -13.60 -7.06 -5.26
N GLY A 20 -14.39 -6.19 -5.87
CA GLY A 20 -13.88 -4.89 -6.25
C GLY A 20 -12.97 -4.91 -7.46
N GLU A 21 -13.07 -5.91 -8.30
CA GLU A 21 -12.21 -6.03 -9.47
C GLU A 21 -12.75 -5.35 -10.70
N PHE A 22 -14.00 -4.91 -10.70
CA PHE A 22 -14.64 -4.40 -11.90
C PHE A 22 -14.52 -2.88 -11.97
N ILE A 23 -14.36 -2.38 -13.18
CA ILE A 23 -14.23 -0.95 -13.45
C ILE A 23 -15.57 -0.45 -13.95
N PRO A 24 -16.21 0.50 -13.28
CA PRO A 24 -17.48 1.03 -13.78
C PRO A 24 -17.30 1.82 -15.07
N VAL A 25 -18.31 1.74 -15.93
CA VAL A 25 -18.34 2.54 -17.14
C VAL A 25 -18.68 3.98 -16.79
N THR A 26 -17.93 4.94 -17.34
CA THR A 26 -18.10 6.34 -16.92
C THR A 26 -19.46 6.88 -17.33
N SER A 27 -19.82 6.70 -18.59
CA SER A 27 -21.05 7.24 -19.12
C SER A 27 -21.66 6.25 -20.09
N LEU A 28 -22.96 6.39 -20.32
CA LEU A 28 -23.64 5.54 -21.29
C LEU A 28 -23.02 5.69 -22.68
N GLN A 29 -22.37 6.82 -22.94
CA GLN A 29 -21.66 6.98 -24.20
C GLN A 29 -20.49 6.00 -24.29
N SER A 30 -19.74 5.86 -23.20
CA SER A 30 -18.59 4.98 -23.18
C SER A 30 -18.96 3.52 -23.01
N SER A 31 -20.23 3.20 -22.72
CA SER A 31 -20.60 1.85 -22.35
C SER A 31 -20.48 0.84 -23.50
N THR A 32 -20.43 1.31 -24.73
CA THR A 32 -20.32 0.42 -25.87
C THR A 32 -18.88 0.39 -26.34
N GLY A 33 -18.50 -0.76 -26.88
CA GLY A 33 -17.16 -0.98 -27.31
C GLY A 33 -16.31 -1.68 -26.29
N PHE A 34 -16.71 -1.67 -25.03
CA PHE A 34 -16.06 -2.44 -23.98
C PHE A 34 -16.56 -3.88 -24.11
N GLN A 35 -15.79 -4.71 -24.80
CA GLN A 35 -16.10 -6.11 -25.02
C GLN A 35 -14.91 -6.96 -24.63
N PRO A 36 -15.13 -8.25 -24.35
CA PRO A 36 -13.99 -9.13 -24.07
C PRO A 36 -12.98 -9.10 -25.20
N TYR A 37 -11.69 -9.07 -24.82
CA TYR A 37 -10.54 -8.95 -25.69
C TYR A 37 -10.34 -7.54 -26.24
N CYS A 38 -11.15 -6.55 -25.85
CA CYS A 38 -10.88 -5.18 -26.28
C CYS A 38 -9.58 -4.72 -25.63
N LEU A 39 -8.82 -3.90 -26.35
CA LEU A 39 -7.64 -3.26 -25.79
C LEU A 39 -8.00 -1.85 -25.34
N VAL A 40 -7.68 -1.52 -24.09
CA VAL A 40 -7.87 -0.19 -23.55
C VAL A 40 -6.52 0.34 -23.10
N VAL A 41 -6.42 1.66 -23.00
CA VAL A 41 -5.16 2.31 -22.66
C VAL A 41 -5.40 3.22 -21.48
N ARG A 42 -4.33 3.45 -20.73
CA ARG A 42 -4.33 4.33 -19.56
C ARG A 42 -3.14 5.27 -19.73
N LYS A 43 -3.41 6.49 -20.13
CA LYS A 43 -2.34 7.44 -20.33
C LYS A 43 -1.84 7.96 -18.98
N PRO A 44 -0.64 8.53 -18.94
CA PRO A 44 -0.09 8.99 -17.66
C PRO A 44 -0.99 10.00 -16.97
N SER A 45 -1.04 9.91 -15.65
CA SER A 45 -1.93 10.75 -14.87
C SER A 45 -1.37 12.16 -14.76
N SER A 46 -2.23 13.08 -14.34
CA SER A 46 -1.86 14.47 -14.18
C SER A 46 -2.23 15.04 -12.82
N SER A 47 -2.80 14.25 -11.93
CA SER A 47 -3.23 14.75 -10.64
C SER A 47 -3.07 13.68 -9.58
N TRP A 48 -2.74 14.11 -8.37
CA TRP A 48 -2.75 13.27 -7.17
C TRP A 48 -4.15 12.83 -6.81
N PHE A 49 -5.18 13.43 -7.40
CA PHE A 49 -6.52 13.34 -6.88
C PHE A 49 -7.56 12.78 -7.85
N TRP A 50 -7.19 12.44 -9.08
CA TRP A 50 -8.10 11.72 -9.97
C TRP A 50 -7.29 10.98 -11.02
N LYS A 51 -7.85 9.87 -11.50
CA LYS A 51 -7.17 9.00 -12.44
C LYS A 51 -7.79 9.07 -13.82
N PRO A 52 -7.01 8.91 -14.88
CA PRO A 52 -7.57 8.98 -16.23
C PRO A 52 -8.48 7.80 -16.51
N ARG A 53 -9.34 8.00 -17.50
CA ARG A 53 -10.23 6.95 -17.97
C ARG A 53 -9.47 5.89 -18.76
N TYR A 54 -9.93 4.66 -18.68
CA TYR A 54 -9.60 3.67 -19.69
C TYR A 54 -10.29 4.06 -21.00
N LYS A 55 -9.66 3.73 -22.12
CA LYS A 55 -10.18 4.08 -23.42
C LYS A 55 -10.05 2.90 -24.36
N CYS A 56 -11.16 2.25 -24.72
CA CYS A 56 -11.11 1.21 -25.74
C CYS A 56 -10.63 1.85 -27.03
N VAL A 57 -9.60 1.26 -27.64
CA VAL A 57 -8.95 1.89 -28.79
C VAL A 57 -9.43 1.22 -30.08
N ASN A 58 -10.64 0.64 -30.05
CA ASN A 58 -11.25 0.01 -31.22
C ASN A 58 -10.24 -0.86 -31.97
N LEU A 59 -9.37 -1.52 -31.21
CA LEU A 59 -8.46 -2.53 -31.73
C LEU A 59 -8.56 -3.73 -30.79
N SER A 60 -8.40 -4.92 -31.35
CA SER A 60 -8.49 -6.15 -30.59
C SER A 60 -7.14 -6.86 -30.52
N ILE A 61 -6.97 -7.65 -29.48
CA ILE A 61 -5.67 -8.29 -29.25
C ILE A 61 -5.32 -9.22 -30.39
N LYS A 62 -6.31 -9.86 -31.01
CA LYS A 62 -6.02 -10.74 -32.15
C LYS A 62 -5.36 -9.97 -33.29
N ASP A 63 -5.57 -8.66 -33.35
CA ASP A 63 -5.08 -7.87 -34.45
C ASP A 63 -3.59 -7.65 -34.40
N ILE A 64 -2.98 -7.83 -33.23
CA ILE A 64 -1.56 -7.62 -33.08
C ILE A 64 -0.80 -8.93 -32.92
N LEU A 65 -1.46 -10.07 -33.10
CA LEU A 65 -0.83 -11.37 -32.96
C LEU A 65 -0.60 -11.96 -34.33
N GLU A 66 0.55 -12.62 -34.51
CA GLU A 66 1.11 -12.82 -35.85
C GLU A 66 0.17 -13.66 -36.70
N PRO A 67 -0.28 -14.83 -36.27
CA PRO A 67 -1.33 -15.51 -37.05
C PRO A 67 -2.63 -14.74 -36.88
N ASP A 68 -3.03 -13.96 -37.88
CA ASP A 68 -4.23 -13.14 -37.76
C ASP A 68 -5.42 -14.07 -37.91
N ALA A 69 -6.13 -14.31 -36.81
CA ALA A 69 -7.24 -15.26 -36.78
C ALA A 69 -8.26 -14.78 -35.76
N ALA A 70 -9.42 -15.41 -35.75
CA ALA A 70 -10.50 -14.99 -34.85
C ALA A 70 -10.12 -15.23 -33.40
N GLU A 71 -10.65 -14.38 -32.52
CA GLU A 71 -10.34 -14.51 -31.11
C GLU A 71 -10.96 -15.79 -30.54
N PRO A 72 -10.38 -16.34 -29.46
CA PRO A 72 -11.01 -17.49 -28.79
C PRO A 72 -12.36 -17.11 -28.19
N ASP A 73 -13.11 -18.14 -27.85
CA ASP A 73 -14.44 -17.90 -27.32
C ASP A 73 -14.36 -17.17 -25.99
N VAL A 74 -15.40 -16.41 -25.69
CA VAL A 74 -15.58 -15.80 -24.37
C VAL A 74 -16.45 -16.72 -23.54
N GLN A 75 -16.27 -16.68 -22.23
CA GLN A 75 -17.09 -17.51 -21.35
C GLN A 75 -18.38 -16.77 -21.07
N ARG A 76 -19.49 -17.31 -21.55
CA ARG A 76 -20.81 -16.77 -21.23
C ARG A 76 -21.15 -17.14 -19.79
N GLY A 77 -21.29 -16.13 -18.94
CA GLY A 77 -21.47 -16.33 -17.52
C GLY A 77 -22.93 -16.29 -17.09
N ARG A 78 -23.11 -16.20 -15.77
CA ARG A 78 -24.45 -16.17 -15.21
C ARG A 78 -25.21 -14.95 -15.71
N SER A 79 -26.52 -15.13 -15.90
CA SER A 79 -27.42 -14.01 -16.11
C SER A 79 -27.99 -13.57 -14.77
N PHE A 80 -28.22 -12.27 -14.65
CA PHE A 80 -28.70 -11.68 -13.40
C PHE A 80 -29.91 -10.81 -13.68
N HIS A 81 -30.99 -11.06 -12.95
CA HIS A 81 -32.29 -10.44 -13.16
C HIS A 81 -32.48 -9.46 -12.01
N PHE A 82 -32.44 -8.17 -12.32
CA PHE A 82 -32.31 -7.14 -11.31
C PHE A 82 -33.67 -6.59 -10.90
N TYR A 83 -33.64 -5.79 -9.84
N TYR A 83 -33.63 -5.77 -9.85
CA TYR A 83 -34.79 -5.57 -8.98
CA TYR A 83 -34.78 -5.55 -8.99
C TYR A 83 -35.35 -4.16 -9.16
C TYR A 83 -35.35 -4.15 -9.18
N ASP A 84 -36.67 -4.06 -9.29
CA ASP A 84 -37.39 -2.80 -9.33
C ASP A 84 -38.85 -3.07 -9.00
N ALA A 85 -39.41 -2.31 -8.08
CA ALA A 85 -40.83 -2.44 -7.72
C ALA A 85 -41.36 -1.13 -7.15
N THR A 116 -40.21 -4.71 -16.83
CA THR A 116 -40.21 -4.22 -15.45
C THR A 116 -38.87 -4.50 -14.75
N SER A 117 -37.85 -4.82 -15.55
CA SER A 117 -36.62 -5.37 -15.01
C SER A 117 -35.45 -5.07 -15.93
N MET A 118 -34.25 -5.43 -15.45
CA MET A 118 -33.02 -5.37 -16.23
C MET A 118 -32.25 -6.66 -15.98
N ASN A 119 -31.80 -7.29 -17.06
CA ASN A 119 -31.05 -8.54 -16.96
C ASN A 119 -29.62 -8.27 -17.39
N VAL A 120 -28.68 -8.71 -16.54
CA VAL A 120 -27.25 -8.53 -16.77
C VAL A 120 -26.62 -9.91 -16.93
N TYR A 121 -25.81 -10.06 -17.98
CA TYR A 121 -25.09 -11.30 -18.23
C TYR A 121 -23.59 -11.04 -18.27
N SER A 122 -22.82 -12.08 -17.98
CA SER A 122 -21.37 -12.00 -17.92
C SER A 122 -20.76 -12.64 -19.15
N LEU A 123 -19.87 -11.92 -19.82
CA LEU A 123 -18.98 -12.47 -20.84
C LEU A 123 -17.55 -12.27 -20.36
N SER A 124 -16.80 -13.36 -20.25
CA SER A 124 -15.45 -13.27 -19.71
C SER A 124 -14.50 -14.10 -20.56
N VAL A 125 -13.21 -13.78 -20.45
CA VAL A 125 -12.14 -14.57 -21.05
C VAL A 125 -11.59 -15.51 -20.00
N ASP A 126 -11.60 -16.80 -20.29
CA ASP A 126 -11.08 -17.77 -19.35
C ASP A 126 -9.59 -17.49 -19.14
N PRO A 127 -9.10 -17.50 -17.89
CA PRO A 127 -7.67 -17.22 -17.68
C PRO A 127 -6.78 -18.15 -18.47
N ASN A 128 -7.22 -19.38 -18.72
CA ASN A 128 -6.46 -20.34 -19.49
C ASN A 128 -6.40 -20.01 -20.97
N THR A 129 -7.22 -19.07 -21.42
CA THR A 129 -7.19 -18.72 -22.84
C THR A 129 -5.85 -18.13 -23.22
N TRP A 130 -5.29 -17.29 -22.36
CA TRP A 130 -4.07 -16.60 -22.72
C TRP A 130 -2.90 -17.56 -22.90
N GLN A 131 -2.85 -18.61 -22.10
CA GLN A 131 -1.73 -19.54 -22.20
C GLN A 131 -1.67 -20.18 -23.57
N THR A 132 -2.82 -20.64 -24.08
CA THR A 132 -2.83 -21.24 -25.40
C THR A 132 -2.67 -20.18 -26.47
N LEU A 133 -3.30 -19.03 -26.27
CA LEU A 133 -3.28 -18.00 -27.30
C LEU A 133 -1.87 -17.49 -27.56
N LEU A 134 -1.14 -17.18 -26.49
CA LEU A 134 0.15 -16.55 -26.63
C LEU A 134 1.25 -17.53 -27.04
N HIS A 135 0.93 -18.81 -27.13
CA HIS A 135 1.82 -19.78 -27.76
C HIS A 135 1.42 -20.11 -29.18
N GLU A 136 0.11 -20.27 -29.43
CA GLU A 136 -0.36 -20.47 -30.79
C GLU A 136 -0.18 -19.21 -31.63
N ARG A 137 -0.16 -18.05 -31.01
CA ARG A 137 0.14 -16.82 -31.70
C ARG A 137 1.19 -16.06 -30.92
N HIS A 138 1.88 -15.16 -31.62
CA HIS A 138 2.95 -14.38 -31.04
C HIS A 138 2.85 -12.95 -31.54
N LEU A 139 3.31 -12.00 -30.73
CA LEU A 139 3.20 -10.59 -31.11
C LEU A 139 3.85 -10.37 -32.47
N ARG A 140 3.14 -9.64 -33.34
CA ARG A 140 3.55 -9.52 -34.74
C ARG A 140 4.71 -8.56 -34.85
N GLN A 141 5.72 -8.96 -35.61
CA GLN A 141 6.91 -8.17 -35.82
C GLN A 141 7.00 -7.85 -37.30
N PRO A 142 7.10 -6.59 -37.69
CA PRO A 142 7.19 -5.38 -36.85
C PRO A 142 5.95 -5.17 -36.01
N GLU A 143 6.04 -4.39 -34.94
CA GLU A 143 4.89 -4.16 -34.11
C GLU A 143 3.77 -3.46 -34.89
N HIS A 144 2.57 -3.49 -34.33
CA HIS A 144 1.46 -2.75 -34.89
C HIS A 144 1.71 -1.25 -34.81
N LYS A 145 1.15 -0.52 -35.77
CA LYS A 145 1.31 0.93 -35.78
C LYS A 145 0.89 1.55 -34.45
N VAL A 146 -0.23 1.09 -33.89
CA VAL A 146 -0.83 1.75 -32.74
C VAL A 146 0.11 1.71 -31.54
N LEU A 147 0.89 0.63 -31.41
CA LEU A 147 1.66 0.42 -30.19
C LEU A 147 2.68 1.51 -30.00
N GLN A 148 3.34 1.94 -31.08
CA GLN A 148 4.28 3.05 -30.96
C GLN A 148 3.57 4.31 -30.49
N GLN A 149 2.39 4.57 -31.04
CA GLN A 149 1.63 5.73 -30.59
C GLN A 149 1.37 5.66 -29.10
N LEU A 150 0.92 4.51 -28.62
CA LEU A 150 0.68 4.35 -27.19
C LEU A 150 1.98 4.39 -26.41
N ARG A 151 3.03 3.79 -26.95
CA ARG A 151 4.34 3.87 -26.31
C ARG A 151 4.81 5.32 -26.19
N SER A 152 4.63 6.09 -27.26
CA SER A 152 5.08 7.49 -27.23
C SER A 152 4.36 8.28 -26.15
N ARG A 153 3.06 8.04 -25.99
CA ARG A 153 2.27 8.79 -25.03
C ARG A 153 2.43 8.27 -23.60
N GLY A 154 3.22 7.22 -23.39
CA GLY A 154 3.38 6.67 -22.07
C GLY A 154 2.21 5.86 -21.57
N ASP A 155 1.39 5.34 -22.46
CA ASP A 155 0.20 4.63 -22.05
C ASP A 155 0.55 3.27 -21.48
N ASN A 156 -0.20 2.86 -20.46
CA ASN A 156 -0.28 1.46 -20.09
C ASN A 156 -1.42 0.84 -20.86
N VAL A 157 -1.21 -0.38 -21.34
CA VAL A 157 -2.16 -1.05 -22.23
C VAL A 157 -2.71 -2.30 -21.53
N TYR A 158 -4.03 -2.49 -21.64
CA TYR A 158 -4.74 -3.57 -20.98
C TYR A 158 -5.67 -4.24 -21.97
N VAL A 159 -6.13 -5.43 -21.63
CA VAL A 159 -7.12 -6.14 -22.42
C VAL A 159 -8.32 -6.45 -21.55
N VAL A 160 -9.52 -6.26 -22.09
CA VAL A 160 -10.73 -6.52 -21.33
C VAL A 160 -10.94 -8.02 -21.19
N THR A 161 -11.08 -8.49 -19.95
CA THR A 161 -11.24 -9.90 -19.66
C THR A 161 -12.65 -10.28 -19.25
N GLU A 162 -13.48 -9.32 -18.90
CA GLU A 162 -14.86 -9.61 -18.57
C GLU A 162 -15.69 -8.35 -18.73
N VAL A 163 -16.95 -8.54 -19.11
CA VAL A 163 -17.92 -7.45 -19.21
C VAL A 163 -19.20 -7.86 -18.48
N LEU A 164 -19.89 -6.86 -17.94
CA LEU A 164 -21.25 -7.00 -17.47
C LEU A 164 -22.14 -6.21 -18.42
N GLN A 165 -23.06 -6.90 -19.10
CA GLN A 165 -23.79 -6.31 -20.22
C GLN A 165 -25.29 -6.53 -20.06
N THR A 166 -26.05 -5.78 -20.84
CA THR A 166 -27.51 -5.76 -20.73
C THR A 166 -28.16 -6.37 -21.96
N GLN A 167 -29.47 -6.57 -21.84
CA GLN A 167 -30.39 -6.63 -22.98
C GLN A 167 -31.13 -5.28 -23.08
N LYS A 168 -32.05 -5.16 -24.04
CA LYS A 168 -32.62 -3.84 -24.32
C LYS A 168 -33.69 -3.46 -23.29
N GLU A 169 -33.58 -2.25 -22.75
CA GLU A 169 -34.53 -1.74 -21.76
C GLU A 169 -34.30 -0.25 -21.61
N VAL A 170 -35.21 0.40 -20.88
CA VAL A 170 -35.20 1.85 -20.73
C VAL A 170 -34.82 2.21 -19.30
N GLU A 171 -34.43 3.46 -19.10
CA GLU A 171 -33.98 3.94 -17.81
C GLU A 171 -35.05 4.81 -17.18
N VAL A 172 -35.36 4.54 -15.90
CA VAL A 172 -36.37 5.31 -15.19
C VAL A 172 -36.01 6.78 -15.22
N THR A 173 -34.75 7.11 -14.97
CA THR A 173 -34.25 8.45 -15.16
C THR A 173 -34.95 9.44 -14.23
N THR A 194 -37.22 6.14 -19.75
CA THR A 194 -37.16 7.48 -20.31
C THR A 194 -36.11 7.54 -21.41
N VAL A 195 -34.98 6.88 -21.18
CA VAL A 195 -33.91 6.75 -22.17
C VAL A 195 -33.53 5.28 -22.26
N THR A 196 -33.46 4.75 -23.49
CA THR A 196 -33.25 3.33 -23.70
C THR A 196 -31.75 3.01 -23.70
N ILE A 197 -31.39 1.97 -22.97
CA ILE A 197 -30.04 1.42 -23.03
C ILE A 197 -30.04 0.27 -24.03
N PRO A 198 -29.26 0.34 -25.10
CA PRO A 198 -29.29 -0.73 -26.09
C PRO A 198 -28.84 -2.06 -25.52
N SER A 199 -29.35 -3.13 -26.11
CA SER A 199 -28.94 -4.47 -25.69
C SER A 199 -27.44 -4.61 -25.82
N GLY A 200 -26.83 -5.32 -24.88
CA GLY A 200 -25.39 -5.54 -24.91
C GLY A 200 -24.56 -4.36 -24.49
N SER A 201 -25.13 -3.43 -23.73
CA SER A 201 -24.38 -2.29 -23.23
C SER A 201 -23.56 -2.72 -22.03
N THR A 202 -22.26 -2.48 -22.08
CA THR A 202 -21.39 -2.84 -20.97
C THR A 202 -21.63 -1.92 -19.79
N LEU A 203 -21.88 -2.51 -18.62
CA LEU A 203 -22.00 -1.72 -17.41
C LEU A 203 -20.67 -1.66 -16.66
N ALA A 204 -19.96 -2.77 -16.60
CA ALA A 204 -18.67 -2.85 -15.90
C ALA A 204 -17.82 -3.90 -16.59
N PHE A 205 -16.52 -3.85 -16.34
CA PHE A 205 -15.60 -4.77 -17.00
C PHE A 205 -14.38 -4.97 -16.13
N ARG A 206 -13.66 -6.06 -16.41
CA ARG A 206 -12.38 -6.36 -15.81
C ARG A 206 -11.30 -6.31 -16.87
N VAL A 207 -10.07 -5.99 -16.45
CA VAL A 207 -8.94 -5.87 -17.36
C VAL A 207 -7.78 -6.71 -16.86
N ALA A 208 -6.91 -7.08 -17.80
CA ALA A 208 -5.59 -7.64 -17.53
C ALA A 208 -4.56 -6.81 -18.29
N GLN A 209 -3.40 -6.56 -17.68
CA GLN A 209 -2.42 -5.67 -18.29
C GLN A 209 -1.57 -6.41 -19.31
N LEU A 210 -1.29 -5.73 -20.42
CA LEU A 210 -0.33 -6.22 -21.39
C LEU A 210 1.06 -5.71 -21.03
N VAL A 211 2.06 -6.55 -21.23
CA VAL A 211 3.45 -6.15 -21.08
C VAL A 211 4.18 -6.54 -22.35
N ILE A 212 4.90 -5.60 -22.95
CA ILE A 212 5.52 -5.78 -24.25
C ILE A 212 7.04 -5.66 -24.12
N ASP A 213 7.73 -6.66 -24.66
CA ASP A 213 9.17 -6.86 -24.61
C ASP A 213 9.49 -7.53 -25.94
N SER A 214 10.55 -8.33 -26.01
CA SER A 214 10.72 -9.19 -27.18
C SER A 214 9.44 -9.96 -27.53
N ASP A 215 8.52 -10.11 -26.59
CA ASP A 215 7.27 -10.83 -26.79
C ASP A 215 6.14 -10.10 -26.08
N LEU A 216 4.94 -10.69 -26.13
CA LEU A 216 3.77 -10.14 -25.45
C LEU A 216 3.25 -11.10 -24.40
N ASP A 217 2.88 -10.55 -23.24
CA ASP A 217 2.28 -11.34 -22.18
C ASP A 217 1.09 -10.57 -21.63
N VAL A 218 0.17 -11.30 -21.00
CA VAL A 218 -1.03 -10.75 -20.39
C VAL A 218 -1.00 -11.03 -18.89
N LEU A 219 -0.96 -9.99 -18.09
CA LEU A 219 -0.81 -10.11 -16.66
C LEU A 219 -2.16 -9.91 -15.98
N LEU A 220 -2.63 -10.96 -15.32
CA LEU A 220 -3.93 -10.89 -14.66
C LEU A 220 -3.88 -10.08 -13.37
N PHE A 221 -2.76 -10.11 -12.66
CA PHE A 221 -2.62 -9.37 -11.40
C PHE A 221 -1.26 -8.68 -11.36
N PRO A 222 -1.07 -7.66 -12.21
CA PRO A 222 0.16 -6.88 -12.15
C PRO A 222 0.19 -5.99 -10.91
N ASP A 223 1.38 -5.56 -10.54
CA ASP A 223 1.49 -4.66 -9.42
C ASP A 223 1.15 -3.24 -9.88
N LYS A 224 1.24 -2.30 -8.94
CA LYS A 224 0.66 -0.98 -9.12
C LYS A 224 1.53 -0.14 -10.04
N LYS A 225 2.85 -0.36 -10.03
CA LYS A 225 3.80 0.40 -10.83
C LYS A 225 4.11 -0.26 -12.16
N GLN A 226 3.51 -1.41 -12.44
CA GLN A 226 3.88 -2.15 -13.63
C GLN A 226 3.68 -1.32 -14.88
N ARG A 227 4.65 -1.38 -15.78
CA ARG A 227 4.59 -0.73 -17.09
C ARG A 227 4.28 -1.77 -18.15
N THR A 228 3.53 -1.36 -19.17
CA THR A 228 3.33 -2.24 -20.31
C THR A 228 4.58 -2.31 -21.19
N PHE A 229 5.11 -1.17 -21.55
CA PHE A 229 6.25 -1.10 -22.46
C PHE A 229 7.52 -1.14 -21.63
N GLN A 230 8.22 -2.27 -21.68
CA GLN A 230 9.44 -2.49 -20.95
C GLN A 230 10.63 -1.94 -21.73
N PRO A 231 11.65 -1.44 -21.05
CA PRO A 231 12.89 -1.04 -21.75
C PRO A 231 13.66 -2.27 -22.18
N PRO A 232 14.55 -2.14 -23.19
CA PRO A 232 15.42 -3.27 -23.53
C PRO A 232 16.40 -3.51 -22.40
N ALA A 233 17.22 -4.57 -22.50
CA ALA A 233 18.27 -4.75 -21.51
C ALA A 233 19.16 -3.52 -21.41
N THR A 234 19.27 -2.75 -22.49
CA THR A 234 20.06 -1.53 -22.47
C THR A 234 19.53 -0.54 -21.46
N GLY A 235 18.22 -0.50 -21.26
CA GLY A 235 17.61 0.57 -20.49
C GLY A 235 17.38 1.82 -21.28
N LEU A 236 17.75 1.86 -22.55
CA LEU A 236 17.60 3.03 -23.38
C LEU A 236 16.31 2.90 -24.18
N THR A 237 15.37 3.80 -23.93
CA THR A 237 14.09 3.82 -24.64
C THR A 237 14.18 4.93 -25.68
N ASP A 238 14.35 4.54 -26.93
CA ASP A 238 14.77 5.48 -27.97
C ASP A 238 13.61 6.38 -28.38
N GLY A 239 13.83 7.69 -28.28
CA GLY A 239 13.04 8.66 -29.00
C GLY A 239 12.64 9.97 -28.35
N VAL A 240 12.29 10.01 -27.07
CA VAL A 240 11.83 11.26 -26.43
C VAL A 240 11.82 11.07 -24.93
N PRO A 241 11.44 12.08 -24.09
CA PRO A 241 11.24 11.77 -22.66
C PRO A 241 10.19 10.69 -22.47
N ALA A 242 8.95 10.93 -22.93
CA ALA A 242 7.85 9.97 -22.81
C ALA A 242 7.92 9.25 -21.46
N GLU A 243 7.89 10.06 -20.40
CA GLU A 243 8.33 9.59 -19.08
C GLU A 243 7.50 8.43 -18.57
N GLY A 244 6.18 8.62 -18.46
CA GLY A 244 5.33 7.65 -17.80
C GLY A 244 5.41 7.66 -16.28
N ALA A 245 5.89 8.76 -15.69
CA ALA A 245 6.06 8.89 -14.25
C ALA A 245 5.86 10.36 -13.87
N PHE A 246 5.59 10.61 -12.58
CA PHE A 246 5.41 11.97 -12.08
C PHE A 246 5.22 11.92 -10.55
N THR A 247 5.79 12.90 -9.83
CA THR A 247 5.88 12.82 -8.37
C THR A 247 5.09 13.90 -7.65
N GLU A 248 5.40 15.18 -7.88
CA GLU A 248 4.85 16.25 -7.06
C GLU A 248 5.12 16.00 -5.57
N ASP A 249 6.24 15.36 -5.28
CA ASP A 249 6.64 15.19 -3.88
C ASP A 249 7.05 16.52 -3.27
N PHE A 250 7.95 17.24 -3.93
CA PHE A 250 8.43 18.51 -3.39
C PHE A 250 7.32 19.55 -3.36
N GLN A 251 6.59 19.68 -4.46
CA GLN A 251 5.48 20.62 -4.49
C GLN A 251 4.44 20.27 -3.44
N GLY A 252 4.21 18.98 -3.21
CA GLY A 252 3.38 18.59 -2.09
C GLY A 252 3.97 18.98 -0.74
N LEU A 253 5.28 18.83 -0.60
CA LEU A 253 5.92 19.28 0.62
C LEU A 253 5.78 20.78 0.80
N ARG A 254 5.95 21.55 -0.28
CA ARG A 254 5.76 22.99 -0.21
C ARG A 254 4.37 23.37 0.29
N ALA A 255 3.37 22.52 0.01
CA ALA A 255 2.00 22.85 0.40
C ALA A 255 1.77 22.63 1.89
N GLU A 256 2.19 21.48 2.40
CA GLU A 256 2.04 21.22 3.83
C GLU A 256 2.75 22.31 4.63
N VAL A 257 3.90 22.74 4.14
CA VAL A 257 4.64 23.81 4.81
C VAL A 257 3.84 25.10 4.78
N GLU A 258 3.25 25.42 3.64
CA GLU A 258 2.61 26.71 3.52
C GLU A 258 1.38 26.82 4.39
N THR A 259 0.66 25.72 4.60
CA THR A 259 -0.44 25.75 5.54
C THR A 259 -0.01 26.35 6.86
N ILE A 260 1.13 25.90 7.36
CA ILE A 260 1.64 26.37 8.64
C ILE A 260 2.20 27.78 8.53
N SER A 261 2.86 28.09 7.41
CA SER A 261 3.63 29.33 7.33
C SER A 261 2.73 30.55 7.41
N LYS A 262 1.59 30.53 6.74
CA LYS A 262 0.73 31.70 6.70
C LYS A 262 0.28 32.12 8.09
N GLU A 263 0.29 31.20 9.04
CA GLU A 263 -0.12 31.48 10.41
C GLU A 263 0.94 32.26 11.18
N LEU A 264 2.12 32.49 10.59
CA LEU A 264 3.13 33.28 11.27
C LEU A 264 2.81 34.76 11.25
N GLU A 265 2.31 35.26 10.11
CA GLU A 265 2.13 36.70 9.99
C GLU A 265 1.05 37.22 10.92
N LEU A 266 0.18 36.34 11.40
CA LEU A 266 -0.83 36.75 12.36
C LEU A 266 -0.22 37.21 13.67
N LEU A 267 1.01 36.80 13.94
CA LEU A 267 1.71 37.31 15.12
C LEU A 267 2.13 38.75 14.89
N ASP A 268 1.91 39.59 15.89
CA ASP A 268 2.55 40.90 15.91
C ASP A 268 4.06 40.70 15.91
N ARG A 269 4.77 41.59 15.21
CA ARG A 269 6.17 41.32 14.90
C ARG A 269 6.99 41.07 16.16
N GLU A 270 6.57 41.62 17.30
CA GLU A 270 7.26 41.29 18.55
C GLU A 270 7.12 39.81 18.89
N LEU A 271 5.91 39.26 18.72
CA LEU A 271 5.72 37.84 18.99
C LEU A 271 6.55 36.99 18.05
N CYS A 272 6.62 37.39 16.77
CA CYS A 272 7.55 36.73 15.86
C CYS A 272 8.98 36.86 16.37
N GLN A 273 9.30 37.97 17.03
CA GLN A 273 10.65 38.18 17.53
C GLN A 273 10.92 37.33 18.77
N LEU A 274 10.01 37.39 19.75
CA LEU A 274 10.22 36.59 20.95
C LEU A 274 10.23 35.12 20.61
N LEU A 275 9.43 34.72 19.63
CA LEU A 275 9.38 33.32 19.27
C LEU A 275 10.73 32.84 18.76
N LEU A 276 11.32 33.61 17.85
CA LEU A 276 12.60 33.20 17.28
C LEU A 276 13.68 33.10 18.33
N GLU A 277 13.74 34.08 19.24
CA GLU A 277 14.77 34.05 20.27
C GLU A 277 14.57 32.86 21.20
N GLY A 278 13.34 32.56 21.58
CA GLY A 278 13.11 31.33 22.32
C GLY A 278 13.55 30.09 21.55
N LEU A 279 13.34 30.09 20.24
CA LEU A 279 13.76 28.95 19.42
C LEU A 279 15.27 28.87 19.35
N GLU A 280 15.93 29.99 19.11
CA GLU A 280 17.39 29.99 19.14
C GLU A 280 17.89 29.36 20.42
N GLY A 281 17.25 29.66 21.55
CA GLY A 281 17.69 29.09 22.81
C GLY A 281 17.46 27.60 22.90
N VAL A 282 16.29 27.13 22.47
CA VAL A 282 16.03 25.71 22.59
C VAL A 282 16.77 24.94 21.51
N LEU A 283 17.05 25.58 20.37
CA LEU A 283 17.84 24.90 19.35
C LEU A 283 19.23 24.54 19.88
N ARG A 284 19.78 25.36 20.76
CA ARG A 284 21.06 25.08 21.38
C ARG A 284 20.92 24.33 22.69
N ASP A 285 19.79 23.67 22.90
CA ASP A 285 19.57 22.88 24.11
C ASP A 285 18.67 21.71 23.75
N GLN A 286 19.26 20.52 23.63
CA GLN A 286 18.49 19.37 23.18
C GLN A 286 17.37 19.02 24.15
N LEU A 287 17.68 19.02 25.45
CA LEU A 287 16.68 18.59 26.42
C LEU A 287 15.62 19.66 26.63
N ALA A 288 16.00 20.93 26.54
CA ALA A 288 15.00 21.98 26.54
C ALA A 288 14.11 21.85 25.32
N LEU A 289 14.69 21.52 24.18
CA LEU A 289 13.88 21.32 22.98
C LEU A 289 12.90 20.18 23.18
N ARG A 290 13.36 19.07 23.75
CA ARG A 290 12.46 17.96 23.95
C ARG A 290 11.39 18.31 24.95
N ALA A 291 11.75 19.05 26.00
CA ALA A 291 10.76 19.45 26.99
C ALA A 291 9.71 20.36 26.38
N LEU A 292 10.15 21.28 25.52
CA LEU A 292 9.20 22.12 24.81
C LEU A 292 8.32 21.28 23.89
N GLU A 293 8.91 20.31 23.20
CA GLU A 293 8.12 19.42 22.37
C GLU A 293 7.07 18.71 23.20
N GLU A 294 7.46 18.17 24.34
CA GLU A 294 6.54 17.40 25.16
C GLU A 294 5.57 18.26 25.92
N ALA A 295 5.85 19.55 26.09
CA ALA A 295 4.87 20.43 26.71
C ALA A 295 3.66 20.61 25.82
N LEU A 296 3.86 20.56 24.50
CA LEU A 296 2.78 20.73 23.55
C LEU A 296 2.15 19.41 23.12
N GLU A 297 2.23 18.38 23.94
CA GLU A 297 1.60 17.10 23.66
C GLU A 297 0.61 16.71 24.74
N GLN A 298 0.09 17.67 25.48
CA GLN A 298 -0.78 17.39 26.61
C GLN A 298 -2.20 17.00 26.17
N GLY A 303 -6.43 21.33 31.20
CA GLY A 303 -5.77 22.10 32.23
C GLY A 303 -4.79 23.12 31.67
N PRO A 304 -4.31 24.04 32.53
CA PRO A 304 -3.36 25.06 32.07
C PRO A 304 -2.00 24.48 31.72
N VAL A 305 -1.05 25.34 31.40
CA VAL A 305 0.19 24.91 30.77
C VAL A 305 1.25 24.64 31.84
N GLU A 306 2.27 23.86 31.46
CA GLU A 306 3.42 23.59 32.31
C GLU A 306 4.33 24.81 32.36
N PRO A 307 4.70 25.30 33.56
CA PRO A 307 5.38 26.63 33.66
C PRO A 307 6.90 26.56 33.49
N LEU A 308 7.34 26.27 32.28
CA LEU A 308 8.76 26.10 32.00
C LEU A 308 9.47 27.45 31.93
N ASP A 309 10.67 27.51 32.51
CA ASP A 309 11.54 28.66 32.36
C ASP A 309 12.53 28.41 31.22
N GLY A 310 13.25 29.46 30.84
CA GLY A 310 14.26 29.34 29.83
C GLY A 310 13.71 29.62 28.45
N PRO A 311 14.49 29.28 27.42
CA PRO A 311 14.02 29.53 26.04
C PRO A 311 12.74 28.80 25.70
N ALA A 312 12.54 27.61 26.26
CA ALA A 312 11.27 26.93 26.06
C ALA A 312 10.11 27.74 26.63
N GLY A 313 10.31 28.32 27.81
CA GLY A 313 9.29 29.21 28.34
C GLY A 313 9.08 30.43 27.46
N ALA A 314 10.17 30.94 26.88
CA ALA A 314 10.03 32.10 25.99
C ALA A 314 9.15 31.75 24.81
N VAL A 315 9.30 30.54 24.27
CA VAL A 315 8.48 30.14 23.14
C VAL A 315 7.03 29.97 23.56
N LEU A 316 6.80 29.28 24.67
CA LEU A 316 5.42 29.02 25.09
C LEU A 316 4.72 30.30 25.47
N GLU A 317 5.45 31.26 26.04
CA GLU A 317 4.82 32.53 26.42
C GLU A 317 4.18 33.20 25.23
N CYS A 318 4.67 32.91 24.03
CA CYS A 318 4.07 33.48 22.85
C CYS A 318 2.70 32.89 22.53
N LEU A 319 2.29 31.82 23.21
CA LEU A 319 1.22 30.96 22.71
C LEU A 319 0.08 30.74 23.69
N VAL A 320 -0.03 31.52 24.76
CA VAL A 320 -1.02 31.27 25.79
C VAL A 320 -1.89 32.50 25.99
N LEU A 321 -2.96 32.32 26.76
CA LEU A 321 -3.90 33.38 27.08
C LEU A 321 -3.68 33.83 28.51
N SER A 322 -4.45 34.84 28.92
CA SER A 322 -4.41 35.29 30.29
C SER A 322 -4.62 34.13 31.25
N SER A 323 -5.58 33.25 30.94
CA SER A 323 -5.92 32.13 31.80
C SER A 323 -4.90 31.01 31.75
N GLY A 324 -3.98 31.01 30.80
CA GLY A 324 -3.03 29.94 30.66
C GLY A 324 -3.60 28.68 30.04
N MET A 325 -4.81 28.75 29.43
CA MET A 325 -5.48 27.58 28.89
C MET A 325 -4.91 27.32 27.48
N LEU A 326 -5.44 26.26 26.87
CA LEU A 326 -5.08 25.96 25.50
C LEU A 326 -5.44 27.13 24.60
N VAL A 327 -4.56 27.41 23.64
CA VAL A 327 -4.83 28.38 22.58
C VAL A 327 -4.61 27.66 21.26
N PRO A 328 -5.54 26.79 20.83
CA PRO A 328 -5.22 25.87 19.74
C PRO A 328 -4.81 26.55 18.45
N GLU A 329 -5.33 27.73 18.16
CA GLU A 329 -4.93 28.38 16.92
C GLU A 329 -3.44 28.67 16.88
N LEU A 330 -2.82 28.86 18.04
CA LEU A 330 -1.40 29.19 18.11
C LEU A 330 -0.51 27.96 18.22
N ALA A 331 -0.91 26.98 19.03
CA ALA A 331 -0.06 25.81 19.25
C ALA A 331 0.11 24.98 18.00
N ILE A 332 -0.96 24.82 17.21
CA ILE A 332 -0.92 23.88 16.10
C ILE A 332 0.24 24.16 15.16
N PRO A 333 0.44 25.37 14.65
CA PRO A 333 1.61 25.60 13.78
C PRO A 333 2.93 25.35 14.49
N VAL A 334 3.02 25.68 15.78
CA VAL A 334 4.28 25.50 16.51
C VAL A 334 4.58 24.03 16.70
N VAL A 335 3.57 23.24 17.04
CA VAL A 335 3.78 21.82 17.20
C VAL A 335 4.32 21.22 15.91
N TYR A 336 3.87 21.75 14.78
CA TYR A 336 4.38 21.26 13.50
C TYR A 336 5.86 21.56 13.36
N LEU A 337 6.24 22.79 13.69
CA LEU A 337 7.64 23.17 13.59
C LEU A 337 8.47 22.37 14.56
N LEU A 338 7.99 22.22 15.79
CA LEU A 338 8.73 21.41 16.74
C LEU A 338 8.83 19.97 16.26
N GLY A 339 7.80 19.48 15.59
CA GLY A 339 7.89 18.15 15.01
C GLY A 339 8.98 18.06 13.97
N ALA A 340 9.10 19.10 13.13
CA ALA A 340 10.11 19.10 12.09
C ALA A 340 11.50 19.15 12.69
N LEU A 341 11.71 20.03 13.68
CA LEU A 341 13.01 20.14 14.31
C LEU A 341 13.39 18.86 15.04
N THR A 342 12.41 18.22 15.69
CA THR A 342 12.69 16.99 16.41
C THR A 342 13.25 15.90 15.49
N MET A 343 12.92 15.98 14.21
CA MET A 343 13.46 15.02 13.26
C MET A 343 14.95 15.19 13.05
N LEU A 344 15.50 16.35 13.37
CA LEU A 344 16.87 16.66 13.05
C LEU A 344 17.79 16.32 14.24
N SER A 345 19.08 16.27 13.94
CA SER A 345 20.08 15.89 14.92
C SER A 345 20.51 17.11 15.73
N GLU A 346 21.29 16.84 16.78
CA GLU A 346 21.75 17.92 17.64
C GLU A 346 22.66 18.88 16.88
N THR A 347 23.52 18.35 16.02
CA THR A 347 24.38 19.22 15.24
C THR A 347 23.57 20.15 14.36
N GLN A 348 22.51 19.64 13.75
CA GLN A 348 21.68 20.47 12.90
C GLN A 348 21.00 21.57 13.72
N HIS A 349 20.58 21.25 14.95
CA HIS A 349 19.89 22.24 15.78
C HIS A 349 20.77 23.44 16.04
N LYS A 350 21.99 23.21 16.50
CA LYS A 350 22.88 24.30 16.85
C LYS A 350 23.24 25.14 15.63
N LEU A 351 23.37 24.52 14.47
CA LEU A 351 23.58 25.29 13.24
C LEU A 351 22.35 26.11 12.87
N LEU A 352 21.15 25.57 13.11
CA LEU A 352 19.94 26.34 12.85
C LEU A 352 19.88 27.58 13.73
N ALA A 353 20.26 27.44 14.99
CA ALA A 353 20.31 28.61 15.87
C ALA A 353 21.31 29.62 15.34
N GLU A 354 22.49 29.14 14.91
CA GLU A 354 23.51 30.02 14.36
C GLU A 354 23.01 30.70 13.10
N ALA A 355 22.38 29.93 12.20
CA ALA A 355 21.87 30.51 10.97
C ALA A 355 20.77 31.51 11.26
N LEU A 356 19.96 31.22 12.26
CA LEU A 356 18.89 32.14 12.63
C LEU A 356 19.47 33.40 13.26
N GLU A 357 20.41 33.25 14.19
CA GLU A 357 21.04 34.42 14.80
C GLU A 357 21.89 35.19 13.81
N SER A 358 22.51 34.49 12.87
CA SER A 358 23.28 35.13 11.83
C SER A 358 22.43 35.56 10.64
N GLN A 359 21.16 35.18 10.60
CA GLN A 359 20.27 35.51 9.49
C GLN A 359 20.87 35.07 8.16
N THR A 360 21.32 33.82 8.12
CA THR A 360 21.88 33.20 6.94
C THR A 360 21.10 31.95 6.56
N LEU A 361 19.78 32.03 6.64
CA LEU A 361 18.96 30.86 6.41
C LEU A 361 18.77 30.53 4.93
N LEU A 362 18.93 31.51 4.05
CA LEU A 362 18.54 31.29 2.67
C LEU A 362 19.47 30.30 1.96
N GLY A 363 20.77 30.43 2.16
CA GLY A 363 21.72 29.66 1.39
C GLY A 363 21.48 28.17 1.49
N PRO A 364 21.28 27.68 2.72
CA PRO A 364 20.87 26.28 2.86
C PRO A 364 19.47 26.03 2.35
N LEU A 365 18.53 26.93 2.64
CA LEU A 365 17.14 26.71 2.27
C LEU A 365 17.02 26.47 0.77
N GLU A 366 17.69 27.30 -0.03
CA GLU A 366 17.61 27.14 -1.46
C GLU A 366 18.22 25.81 -1.91
N LEU A 367 19.32 25.40 -1.28
CA LEU A 367 19.99 24.19 -1.71
C LEU A 367 19.18 22.96 -1.35
N VAL A 368 18.62 22.92 -0.15
CA VAL A 368 17.83 21.76 0.25
C VAL A 368 16.65 21.60 -0.69
N GLY A 369 15.96 22.70 -0.99
CA GLY A 369 14.84 22.63 -1.91
C GLY A 369 15.25 22.15 -3.29
N SER A 370 16.41 22.60 -3.75
CA SER A 370 16.91 22.14 -5.04
C SER A 370 17.09 20.63 -5.04
N LEU A 371 17.76 20.11 -4.02
CA LEU A 371 18.05 18.69 -3.97
C LEU A 371 16.78 17.88 -3.81
N LEU A 372 15.89 18.31 -2.91
CA LEU A 372 14.64 17.60 -2.74
C LEU A 372 13.83 17.59 -4.03
N GLU A 373 13.87 18.70 -4.78
CA GLU A 373 13.15 18.74 -6.04
C GLU A 373 13.83 17.87 -7.08
N GLN A 374 15.15 17.77 -7.02
CA GLN A 374 15.86 16.89 -7.95
C GLN A 374 15.58 15.43 -7.63
N SER A 375 15.55 15.08 -6.35
CA SER A 375 15.41 13.69 -5.94
C SER A 375 13.99 13.18 -5.96
N ALA A 376 13.00 14.07 -6.16
CA ALA A 376 11.62 13.63 -6.20
C ALA A 376 11.38 12.72 -7.40
N PRO A 377 10.75 11.55 -7.22
CA PRO A 377 10.23 10.97 -5.96
C PRO A 377 11.34 10.46 -5.05
N TRP A 378 11.23 10.71 -3.75
CA TRP A 378 12.31 10.50 -2.82
C TRP A 378 12.49 9.03 -2.45
N GLN A 379 11.54 8.17 -2.77
CA GLN A 379 11.75 6.74 -2.59
C GLN A 379 12.65 6.17 -3.68
N GLU A 380 12.85 6.89 -4.77
CA GLU A 380 13.78 6.49 -5.81
C GLU A 380 15.19 6.97 -5.48
N ARG A 381 16.17 6.21 -5.94
CA ARG A 381 17.55 6.66 -5.94
C ARG A 381 17.82 7.45 -7.21
N SER A 382 18.68 8.46 -7.10
CA SER A 382 19.08 9.25 -8.25
C SER A 382 20.37 9.98 -7.93
N THR A 383 21.04 10.46 -8.97
CA THR A 383 22.18 11.35 -8.82
C THR A 383 21.70 12.80 -8.88
N MET A 384 21.85 13.52 -7.79
CA MET A 384 21.55 14.95 -7.78
C MET A 384 22.80 15.73 -8.19
N SER A 385 22.56 16.99 -8.58
CA SER A 385 23.62 17.90 -8.97
C SER A 385 23.58 19.12 -8.07
N LEU A 386 24.71 19.47 -7.48
CA LEU A 386 24.81 20.70 -6.70
C LEU A 386 24.82 21.88 -7.66
N PRO A 387 23.85 22.78 -7.60
CA PRO A 387 23.86 23.95 -8.50
C PRO A 387 25.13 24.76 -8.29
N PRO A 388 25.83 25.11 -9.36
CA PRO A 388 27.11 25.82 -9.19
C PRO A 388 26.91 27.16 -8.51
N GLY A 389 27.68 27.36 -7.43
CA GLY A 389 27.65 28.62 -6.70
C GLY A 389 26.71 28.57 -5.52
N LEU A 390 26.66 27.41 -4.86
CA LEU A 390 25.84 27.18 -3.68
C LEU A 390 24.35 27.37 -3.95
N LEU A 391 23.94 27.51 -5.20
CA LEU A 391 22.53 27.73 -5.50
C LEU A 391 21.71 26.54 -5.01
N TRP A 395 33.66 25.43 -0.45
CA TRP A 395 32.40 25.11 0.19
C TRP A 395 32.34 23.66 0.61
N GLY A 396 33.51 23.05 0.81
CA GLY A 396 33.60 21.64 1.13
C GLY A 396 33.25 21.36 2.57
N GLU A 397 33.90 20.34 3.13
CA GLU A 397 33.64 19.94 4.51
C GLU A 397 33.82 21.11 5.45
N GLY A 398 32.91 21.23 6.41
CA GLY A 398 32.89 22.33 7.33
C GLY A 398 31.93 23.43 6.94
N ALA A 399 31.52 23.48 5.68
CA ALA A 399 30.52 24.44 5.28
C ALA A 399 29.19 24.12 5.96
N PRO A 400 28.40 25.14 6.34
CA PRO A 400 27.15 24.84 7.05
C PRO A 400 26.22 23.95 6.24
N ALA A 401 26.01 24.29 4.96
CA ALA A 401 25.14 23.47 4.11
C ALA A 401 25.71 22.06 3.95
N TRP A 402 27.01 21.94 3.72
CA TRP A 402 27.60 20.62 3.61
C TRP A 402 27.25 19.76 4.82
N VAL A 403 27.48 20.31 6.01
CA VAL A 403 27.20 19.54 7.22
C VAL A 403 25.71 19.28 7.34
N LEU A 404 24.90 20.30 7.05
CA LEU A 404 23.46 20.12 7.12
C LEU A 404 23.00 18.99 6.22
N LEU A 405 23.51 18.93 4.99
CA LEU A 405 23.17 17.83 4.11
C LEU A 405 23.88 16.55 4.52
N ASP A 406 25.11 16.66 5.01
CA ASP A 406 25.78 15.47 5.51
C ASP A 406 25.04 14.86 6.69
N GLU A 407 24.49 15.69 7.56
CA GLU A 407 23.79 15.18 8.72
C GLU A 407 22.51 14.44 8.36
N CYS A 408 21.99 14.64 7.14
CA CYS A 408 20.76 13.96 6.72
C CYS A 408 21.01 12.54 6.24
N GLY A 409 22.26 12.16 6.04
CA GLY A 409 22.59 10.85 5.51
C GLY A 409 23.15 10.87 4.11
N LEU A 410 23.31 12.04 3.52
CA LEU A 410 23.83 12.16 2.17
C LEU A 410 25.34 12.22 2.21
N GLU A 411 25.94 11.88 1.07
CA GLU A 411 27.39 11.81 0.91
C GLU A 411 27.83 12.88 -0.08
N LEU A 412 28.47 13.92 0.43
CA LEU A 412 28.92 15.02 -0.41
C LEU A 412 30.41 14.91 -0.70
N GLY A 413 30.81 15.39 -1.87
CA GLY A 413 32.21 15.40 -2.24
C GLY A 413 32.65 16.79 -2.64
N GLU A 414 33.86 17.17 -2.20
CA GLU A 414 34.39 18.49 -2.54
C GLU A 414 34.92 18.55 -3.98
N ASP A 415 35.48 17.45 -4.47
CA ASP A 415 36.04 17.42 -5.82
C ASP A 415 35.05 16.88 -6.84
N THR A 416 33.78 16.70 -6.47
CA THR A 416 32.76 16.24 -7.39
C THR A 416 31.49 17.04 -7.17
N PRO A 417 30.75 17.38 -8.23
CA PRO A 417 29.41 17.94 -8.06
C PRO A 417 28.35 16.90 -7.75
N HIS A 418 28.70 15.63 -7.79
CA HIS A 418 27.75 14.55 -7.61
C HIS A 418 27.40 14.39 -6.15
N VAL A 419 26.10 14.34 -5.86
CA VAL A 419 25.59 13.91 -4.56
C VAL A 419 24.38 13.03 -4.83
N CYS A 420 24.49 11.75 -4.51
CA CYS A 420 23.38 10.84 -4.70
C CYS A 420 22.33 11.01 -3.61
N TRP A 421 21.08 10.78 -3.98
CA TRP A 421 19.97 10.89 -3.04
C TRP A 421 19.86 9.61 -2.21
N GLU A 422 19.72 9.77 -0.89
CA GLU A 422 19.52 8.65 0.01
C GLU A 422 18.07 8.65 0.47
N PRO A 423 17.24 7.72 0.00
CA PRO A 423 15.86 7.71 0.45
C PRO A 423 15.70 7.68 1.95
N GLN A 424 16.68 7.15 2.68
CA GLN A 424 16.61 7.21 4.13
C GLN A 424 16.68 8.63 4.66
N ALA A 425 17.25 9.54 3.89
CA ALA A 425 17.30 10.94 4.27
C ALA A 425 16.01 11.68 3.95
N GLN A 426 15.01 10.98 3.40
CA GLN A 426 13.80 11.64 2.94
C GLN A 426 13.08 12.38 4.05
N GLY A 427 12.92 11.74 5.20
CA GLY A 427 12.24 12.40 6.30
C GLY A 427 13.03 13.56 6.86
N ARG A 428 14.33 13.36 7.09
CA ARG A 428 15.16 14.42 7.66
C ARG A 428 15.32 15.58 6.69
N MET A 429 15.52 15.30 5.42
CA MET A 429 15.64 16.38 4.46
C MET A 429 14.36 17.19 4.37
N CYS A 430 13.21 16.53 4.32
CA CYS A 430 11.94 17.24 4.26
C CYS A 430 11.72 18.04 5.53
N ALA A 431 12.01 17.44 6.69
CA ALA A 431 11.94 18.19 7.94
C ALA A 431 12.92 19.34 7.94
N LEU A 432 14.11 19.12 7.36
CA LEU A 432 15.10 20.18 7.29
C LEU A 432 14.62 21.32 6.39
N TYR A 433 14.05 20.97 5.23
CA TYR A 433 13.54 22.00 4.34
C TYR A 433 12.46 22.83 5.03
N ALA A 434 11.56 22.16 5.74
CA ALA A 434 10.47 22.87 6.42
C ALA A 434 11.01 23.84 7.47
N SER A 435 11.97 23.38 8.28
CA SER A 435 12.47 24.19 9.37
C SER A 435 13.09 25.48 8.87
N LEU A 436 13.90 25.39 7.81
CA LEU A 436 14.53 26.59 7.27
C LEU A 436 13.48 27.58 6.82
N ALA A 437 12.47 27.11 6.12
CA ALA A 437 11.46 28.00 5.58
C ALA A 437 10.73 28.71 6.70
N LEU A 438 10.32 27.96 7.71
CA LEU A 438 9.47 28.54 8.74
C LEU A 438 10.24 29.55 9.56
N LEU A 439 11.52 29.28 9.83
CA LEU A 439 12.32 30.28 10.53
C LEU A 439 12.51 31.54 9.70
N SER A 440 12.69 31.37 8.39
CA SER A 440 12.84 32.54 7.53
C SER A 440 11.59 33.40 7.56
N GLY A 441 10.42 32.77 7.56
CA GLY A 441 9.19 33.55 7.57
C GLY A 441 9.08 34.45 8.78
N LEU A 442 9.38 33.91 9.96
CA LEU A 442 9.33 34.72 11.18
C LEU A 442 10.44 35.76 11.17
N SER A 443 11.55 35.46 10.49
CA SER A 443 12.56 36.47 10.24
C SER A 443 12.17 37.44 9.13
N GLN A 444 11.08 37.14 8.41
CA GLN A 444 10.64 37.96 7.29
C GLN A 444 11.78 38.18 6.29
N VAL B 2 1.31 -15.67 -7.35
CA VAL B 2 1.06 -17.10 -7.26
C VAL B 2 -0.30 -17.40 -7.90
N GLN B 3 -0.65 -18.68 -7.95
CA GLN B 3 -1.93 -19.18 -8.41
C GLN B 3 -2.39 -20.23 -7.39
N LEU B 4 -3.40 -21.00 -7.73
CA LEU B 4 -3.81 -22.07 -6.82
C LEU B 4 -2.71 -23.13 -6.75
N VAL B 5 -2.43 -23.58 -5.53
CA VAL B 5 -1.45 -24.63 -5.28
C VAL B 5 -2.21 -25.84 -4.75
N GLU B 6 -2.22 -26.92 -5.52
CA GLU B 6 -2.90 -28.14 -5.16
C GLU B 6 -1.89 -29.14 -4.63
N SER B 7 -2.11 -29.60 -3.41
CA SER B 7 -1.24 -30.59 -2.78
C SER B 7 -2.11 -31.58 -2.02
N GLY B 8 -1.47 -32.55 -1.36
CA GLY B 8 -2.16 -33.55 -0.58
C GLY B 8 -2.48 -34.84 -1.28
N GLY B 9 -2.29 -34.91 -2.59
CA GLY B 9 -2.57 -36.14 -3.31
C GLY B 9 -1.53 -37.20 -3.06
N GLY B 10 -1.86 -38.42 -3.48
CA GLY B 10 -0.96 -39.53 -3.26
C GLY B 10 -1.56 -40.82 -3.74
N LEU B 11 -0.86 -41.91 -3.40
CA LEU B 11 -1.23 -43.26 -3.80
C LEU B 11 -1.78 -44.00 -2.59
N VAL B 12 -2.95 -44.62 -2.76
CA VAL B 12 -3.57 -45.46 -1.73
C VAL B 12 -4.21 -46.67 -2.41
N GLN B 13 -4.88 -47.50 -1.60
CA GLN B 13 -5.61 -48.67 -2.06
C GLN B 13 -7.08 -48.49 -1.73
N PRO B 14 -7.95 -49.27 -2.36
CA PRO B 14 -9.39 -48.96 -2.29
C PRO B 14 -9.88 -48.81 -0.85
N GLY B 15 -10.79 -47.86 -0.66
CA GLY B 15 -11.38 -47.61 0.62
C GLY B 15 -10.65 -46.60 1.47
N GLY B 16 -9.46 -46.18 1.04
CA GLY B 16 -8.66 -45.28 1.83
C GLY B 16 -9.22 -43.88 1.95
N SER B 17 -8.40 -42.93 2.39
CA SER B 17 -8.84 -41.57 2.61
C SER B 17 -7.69 -40.60 2.40
N LEU B 18 -7.98 -39.46 1.78
CA LEU B 18 -6.98 -38.43 1.53
C LEU B 18 -7.58 -37.06 1.83
N ARG B 19 -6.73 -36.04 1.86
CA ARG B 19 -7.19 -34.66 2.01
C ARG B 19 -6.31 -33.76 1.18
N LEU B 20 -6.87 -33.16 0.12
CA LEU B 20 -6.13 -32.28 -0.76
C LEU B 20 -6.36 -30.81 -0.38
N SER B 21 -5.39 -29.97 -0.74
CA SER B 21 -5.39 -28.57 -0.38
C SER B 21 -5.40 -27.72 -1.63
N CYS B 22 -6.26 -26.71 -1.65
CA CYS B 22 -6.24 -25.65 -2.66
C CYS B 22 -5.89 -24.36 -1.94
N VAL B 23 -4.71 -23.84 -2.18
CA VAL B 23 -4.20 -22.71 -1.43
C VAL B 23 -4.05 -21.52 -2.36
N ASP B 24 -4.53 -20.37 -1.92
CA ASP B 24 -4.43 -19.13 -2.66
C ASP B 24 -3.57 -18.17 -1.85
N SER B 25 -2.47 -17.71 -2.45
CA SER B 25 -1.62 -16.74 -1.77
C SER B 25 -2.40 -15.46 -1.49
N ARG B 26 -3.25 -15.06 -2.41
CA ARG B 26 -4.11 -13.91 -2.23
C ARG B 26 -5.40 -14.37 -1.56
N SER B 27 -6.38 -13.47 -1.44
CA SER B 27 -7.61 -13.73 -0.71
C SER B 27 -8.81 -14.00 -1.61
N TRP B 28 -8.59 -14.16 -2.92
CA TRP B 28 -9.73 -14.44 -3.79
C TRP B 28 -10.45 -15.70 -3.36
N ILE B 29 -9.73 -16.68 -2.82
CA ILE B 29 -10.34 -17.94 -2.45
C ILE B 29 -11.41 -17.72 -1.37
N ASN B 30 -11.27 -16.65 -0.59
CA ASN B 30 -12.17 -16.40 0.52
C ASN B 30 -13.28 -15.42 0.17
N VAL B 31 -13.24 -14.81 -1.01
CA VAL B 31 -14.29 -13.91 -1.44
C VAL B 31 -15.12 -14.50 -2.58
N TYR B 32 -14.63 -15.53 -3.26
CA TYR B 32 -15.31 -16.10 -4.41
C TYR B 32 -15.57 -17.57 -4.14
N GLY B 33 -16.20 -18.23 -5.11
CA GLY B 33 -16.38 -19.67 -5.04
C GLY B 33 -15.13 -20.42 -5.47
N ALA B 34 -15.04 -21.66 -5.01
CA ALA B 34 -13.92 -22.53 -5.34
C ALA B 34 -14.49 -23.89 -5.74
N ASN B 35 -13.87 -24.49 -6.74
CA ASN B 35 -14.26 -25.83 -7.20
C ASN B 35 -13.02 -26.69 -7.23
N TRP B 36 -13.22 -27.98 -6.98
CA TRP B 36 -12.20 -28.99 -7.17
C TRP B 36 -12.56 -29.82 -8.39
N TYR B 37 -11.64 -29.90 -9.34
CA TYR B 37 -11.79 -30.72 -10.52
C TYR B 37 -10.81 -31.89 -10.46
N ARG B 38 -10.96 -32.84 -11.36
CA ARG B 38 -10.00 -33.92 -11.46
C ARG B 38 -9.96 -34.41 -12.89
N GLN B 39 -8.76 -34.62 -13.41
CA GLN B 39 -8.52 -35.13 -14.75
C GLN B 39 -8.02 -36.56 -14.59
N ALA B 40 -8.89 -37.52 -14.76
CA ALA B 40 -8.51 -38.88 -14.45
C ALA B 40 -7.76 -39.50 -15.63
N PRO B 41 -6.80 -40.39 -15.33
CA PRO B 41 -5.97 -40.97 -16.40
C PRO B 41 -6.76 -41.45 -17.60
N GLY B 42 -6.52 -40.83 -18.75
CA GLY B 42 -7.21 -41.18 -19.97
C GLY B 42 -8.59 -40.62 -20.10
N LYS B 43 -9.12 -39.99 -19.05
CA LYS B 43 -10.46 -39.44 -19.01
C LYS B 43 -10.38 -37.94 -18.83
N GLU B 44 -11.44 -37.26 -19.24
CA GLU B 44 -11.44 -35.81 -19.28
C GLU B 44 -11.56 -35.21 -17.88
N ARG B 45 -11.13 -33.96 -17.76
CA ARG B 45 -11.19 -33.25 -16.49
C ARG B 45 -12.62 -33.22 -15.97
N GLU B 46 -12.78 -33.56 -14.71
CA GLU B 46 -14.09 -33.79 -14.13
C GLU B 46 -14.23 -32.97 -12.87
N LEU B 47 -15.29 -32.17 -12.79
CA LEU B 47 -15.56 -31.40 -11.59
C LEU B 47 -16.00 -32.33 -10.48
N VAL B 48 -15.39 -32.17 -9.32
CA VAL B 48 -15.65 -33.04 -8.18
C VAL B 48 -16.56 -32.38 -7.15
N ALA B 49 -16.22 -31.17 -6.72
CA ALA B 49 -16.99 -30.48 -5.69
C ALA B 49 -16.93 -28.99 -5.94
N ALA B 50 -18.03 -28.30 -5.64
CA ALA B 50 -18.17 -26.86 -5.78
C ALA B 50 -18.56 -26.25 -4.45
N LEU B 51 -17.96 -25.12 -4.13
CA LEU B 51 -18.21 -24.41 -2.89
C LEU B 51 -18.41 -22.95 -3.19
N THR B 52 -19.61 -22.44 -2.92
CA THR B 52 -19.91 -21.05 -3.23
C THR B 52 -19.23 -20.13 -2.22
N SER B 53 -19.19 -18.85 -2.57
CA SER B 53 -18.63 -17.86 -1.68
C SER B 53 -19.30 -17.94 -0.31
N GLY B 54 -20.61 -18.19 -0.30
CA GLY B 54 -21.35 -18.28 0.95
C GLY B 54 -21.15 -19.57 1.68
N GLY B 55 -20.72 -20.60 0.98
CA GLY B 55 -20.51 -21.89 1.57
C GLY B 55 -21.49 -22.96 1.19
N THR B 56 -22.24 -22.79 0.11
CA THR B 56 -23.19 -23.80 -0.34
C THR B 56 -22.44 -24.87 -1.13
N THR B 57 -22.68 -26.13 -0.77
CA THR B 57 -21.95 -27.25 -1.34
C THR B 57 -22.83 -28.00 -2.33
N ASN B 58 -22.20 -28.47 -3.41
CA ASN B 58 -22.85 -29.35 -4.36
C ASN B 58 -21.79 -30.32 -4.88
N TYR B 59 -22.18 -31.57 -5.07
CA TYR B 59 -21.26 -32.62 -5.48
C TYR B 59 -21.81 -33.36 -6.70
N ALA B 60 -20.95 -34.15 -7.32
CA ALA B 60 -21.34 -35.04 -8.42
C ALA B 60 -21.75 -36.40 -7.87
N ASP B 61 -22.52 -37.13 -8.66
CA ASP B 61 -23.12 -38.37 -8.16
C ASP B 61 -22.04 -39.35 -7.70
N SER B 62 -20.93 -39.40 -8.41
CA SER B 62 -19.94 -40.44 -8.15
C SER B 62 -19.19 -40.28 -6.84
N VAL B 63 -19.35 -39.15 -6.13
CA VAL B 63 -18.54 -38.85 -4.96
C VAL B 63 -19.35 -38.56 -3.71
N LYS B 64 -20.68 -38.69 -3.78
CA LYS B 64 -21.50 -38.36 -2.62
C LYS B 64 -21.24 -39.35 -1.49
N GLY B 65 -21.23 -38.84 -0.25
CA GLY B 65 -21.08 -39.66 0.92
C GLY B 65 -19.64 -39.93 1.32
N ARG B 66 -18.69 -39.54 0.49
CA ARG B 66 -17.29 -39.80 0.75
C ARG B 66 -16.44 -38.54 0.76
N PHE B 67 -16.83 -37.51 0.02
CA PHE B 67 -16.02 -36.31 -0.14
C PHE B 67 -16.72 -35.13 0.53
N THR B 68 -15.93 -34.28 1.18
CA THR B 68 -16.45 -33.08 1.84
C THR B 68 -15.54 -31.90 1.52
N ILE B 69 -16.11 -30.83 0.96
CA ILE B 69 -15.36 -29.64 0.60
C ILE B 69 -15.63 -28.56 1.65
N SER B 70 -14.56 -27.96 2.17
CA SER B 70 -14.66 -26.95 3.22
C SER B 70 -13.63 -25.87 2.93
N ARG B 71 -13.58 -24.87 3.81
CA ARG B 71 -12.73 -23.71 3.61
C ARG B 71 -12.16 -23.25 4.95
N ASP B 72 -10.87 -22.92 4.95
CA ASP B 72 -10.18 -22.31 6.08
C ASP B 72 -9.67 -20.96 5.62
N ASN B 73 -10.31 -19.89 6.09
CA ASN B 73 -9.99 -18.56 5.59
C ASN B 73 -8.55 -18.18 5.95
N ALA B 74 -8.18 -18.33 7.21
CA ALA B 74 -6.87 -17.87 7.63
C ALA B 74 -5.75 -18.60 6.90
N LYS B 75 -6.02 -19.81 6.45
CA LYS B 75 -5.05 -20.55 5.65
C LYS B 75 -5.27 -20.38 4.15
N ASN B 76 -6.25 -19.57 3.74
CA ASN B 76 -6.58 -19.38 2.33
C ASN B 76 -6.67 -20.72 1.62
N THR B 77 -7.27 -21.71 2.27
CA THR B 77 -7.28 -23.07 1.77
C THR B 77 -8.71 -23.57 1.63
N VAL B 78 -8.99 -24.22 0.49
CA VAL B 78 -10.20 -24.98 0.27
C VAL B 78 -9.78 -26.43 0.18
N TYR B 79 -10.33 -27.26 1.06
CA TYR B 79 -9.90 -28.64 1.22
C TYR B 79 -10.80 -29.58 0.45
N LEU B 80 -10.30 -30.79 0.22
CA LEU B 80 -11.07 -31.88 -0.38
C LEU B 80 -10.85 -33.10 0.51
N GLN B 81 -11.67 -33.24 1.54
CA GLN B 81 -11.63 -34.43 2.40
C GLN B 81 -12.11 -35.64 1.60
N MET B 82 -11.25 -36.65 1.48
CA MET B 82 -11.51 -37.82 0.67
C MET B 82 -11.60 -39.04 1.56
N ARG B 83 -12.66 -39.82 1.40
CA ARG B 83 -12.84 -41.06 2.14
C ARG B 83 -13.26 -42.16 1.18
N ASP B 84 -13.16 -43.40 1.65
CA ASP B 84 -13.56 -44.57 0.87
C ASP B 84 -13.06 -44.46 -0.57
N LEU B 85 -11.80 -44.08 -0.69
CA LEU B 85 -11.19 -43.85 -2.00
C LEU B 85 -11.05 -45.17 -2.76
N LYS B 86 -11.33 -45.12 -4.05
CA LYS B 86 -11.26 -46.27 -4.94
C LYS B 86 -10.41 -45.89 -6.14
N PRO B 87 -9.82 -46.87 -6.81
CA PRO B 87 -9.03 -46.54 -8.02
C PRO B 87 -9.82 -45.78 -9.07
N GLU B 88 -11.16 -45.86 -9.04
CA GLU B 88 -11.98 -45.00 -9.88
C GLU B 88 -11.79 -43.53 -9.51
N ASP B 89 -11.30 -43.25 -8.30
CA ASP B 89 -10.95 -41.90 -7.89
C ASP B 89 -9.52 -41.51 -8.25
N THR B 90 -8.71 -42.43 -8.76
CA THR B 90 -7.35 -42.09 -9.12
C THR B 90 -7.35 -41.01 -10.20
N ALA B 91 -6.63 -39.92 -9.96
CA ALA B 91 -6.59 -38.82 -10.89
C ALA B 91 -5.64 -37.75 -10.34
N VAL B 92 -5.41 -36.72 -11.14
CA VAL B 92 -4.74 -35.50 -10.70
C VAL B 92 -5.81 -34.45 -10.45
N TYR B 93 -5.79 -33.85 -9.27
CA TYR B 93 -6.86 -33.00 -8.82
C TYR B 93 -6.44 -31.54 -8.93
N TYR B 94 -7.30 -30.74 -9.56
CA TYR B 94 -7.10 -29.31 -9.70
C TYR B 94 -8.26 -28.56 -9.04
N CYS B 95 -7.99 -27.33 -8.64
CA CYS B 95 -9.01 -26.45 -8.13
C CYS B 95 -9.03 -25.16 -8.95
N ASN B 96 -10.15 -24.47 -8.91
CA ASN B 96 -10.27 -23.19 -9.59
C ASN B 96 -11.25 -22.32 -8.81
N LEU B 97 -11.20 -21.04 -9.10
CA LEU B 97 -12.04 -20.06 -8.42
C LEU B 97 -13.00 -19.47 -9.44
N GLU B 98 -14.27 -19.35 -9.07
CA GLU B 98 -15.28 -18.76 -9.95
C GLU B 98 -15.94 -17.60 -9.22
N ARG B 99 -15.96 -16.44 -9.87
CA ARG B 99 -16.56 -15.25 -9.29
C ARG B 99 -18.08 -15.39 -9.24
N TYR B 100 -18.72 -14.47 -8.51
CA TYR B 100 -20.17 -14.48 -8.45
C TYR B 100 -20.78 -14.34 -9.84
N THR B 101 -20.09 -13.69 -10.76
CA THR B 101 -20.52 -13.61 -12.14
C THR B 101 -20.20 -14.86 -12.92
N GLY B 102 -19.51 -15.82 -12.32
CA GLY B 102 -19.19 -17.07 -12.97
C GLY B 102 -17.87 -17.07 -13.71
N SER B 103 -17.13 -15.98 -13.71
CA SER B 103 -15.83 -15.93 -14.38
C SER B 103 -14.78 -16.59 -13.51
N SER B 104 -13.86 -17.30 -14.16
CA SER B 104 -12.75 -17.96 -13.47
C SER B 104 -11.65 -16.96 -13.17
N VAL B 105 -11.01 -17.15 -12.03
CA VAL B 105 -10.02 -16.19 -11.56
C VAL B 105 -8.62 -16.54 -12.03
N TYR B 106 -8.23 -17.79 -11.90
CA TYR B 106 -6.86 -18.22 -12.18
C TYR B 106 -6.84 -19.29 -13.26
N PRO B 107 -5.74 -19.41 -13.99
CA PRO B 107 -5.52 -20.62 -14.78
C PRO B 107 -5.09 -21.76 -13.88
N TRP B 108 -5.07 -22.95 -14.46
CA TRP B 108 -4.85 -24.16 -13.69
C TRP B 108 -3.44 -24.24 -13.12
N GLY B 109 -3.33 -24.79 -11.91
CA GLY B 109 -2.05 -25.18 -11.35
C GLY B 109 -1.66 -26.58 -11.82
N GLN B 110 -0.56 -27.08 -11.24
CA GLN B 110 -0.09 -28.41 -11.61
C GLN B 110 -1.07 -29.49 -11.19
N GLY B 111 -1.94 -29.21 -10.23
CA GLY B 111 -2.83 -30.23 -9.70
C GLY B 111 -2.06 -31.15 -8.77
N THR B 112 -2.80 -32.06 -8.14
CA THR B 112 -2.21 -33.03 -7.23
C THR B 112 -2.79 -34.40 -7.55
N GLN B 113 -1.94 -35.40 -7.66
CA GLN B 113 -2.37 -36.71 -8.10
C GLN B 113 -2.84 -37.54 -6.92
N VAL B 114 -4.00 -38.17 -7.08
CA VAL B 114 -4.49 -39.17 -6.16
C VAL B 114 -4.59 -40.46 -6.94
N THR B 115 -4.06 -41.55 -6.39
CA THR B 115 -4.01 -42.83 -7.07
C THR B 115 -4.40 -43.93 -6.10
N VAL B 116 -5.55 -44.54 -6.35
CA VAL B 116 -6.14 -45.51 -5.43
C VAL B 116 -6.33 -46.84 -6.13
N GLN C 1 3.75 -5.84 -1.57
CA GLN C 1 4.63 -4.67 -1.88
C GLN C 1 5.96 -5.16 -2.43
N VAL C 2 6.52 -4.36 -3.35
CA VAL C 2 7.77 -4.73 -4.00
C VAL C 2 8.88 -4.81 -2.96
N GLN C 3 9.61 -5.92 -2.97
CA GLN C 3 10.76 -6.12 -2.12
C GLN C 3 11.92 -6.60 -2.97
N LEU C 4 13.07 -5.94 -2.86
CA LEU C 4 14.29 -6.31 -3.56
C LEU C 4 15.40 -6.45 -2.53
N VAL C 5 15.89 -7.67 -2.33
CA VAL C 5 16.84 -7.98 -1.26
C VAL C 5 18.14 -8.50 -1.87
N GLU C 6 19.24 -7.81 -1.59
CA GLU C 6 20.53 -8.18 -2.13
C GLU C 6 21.37 -8.88 -1.08
N THR C 7 22.03 -9.97 -1.49
CA THR C 7 23.00 -10.66 -0.66
C THR C 7 24.20 -11.03 -1.52
N GLY C 8 25.27 -11.48 -0.86
CA GLY C 8 26.47 -11.91 -1.55
C GLY C 8 27.62 -10.94 -1.52
N GLY C 9 27.46 -9.77 -0.90
CA GLY C 9 28.55 -8.82 -0.78
C GLY C 9 29.53 -9.20 0.30
N GLY C 10 30.60 -8.42 0.38
CA GLY C 10 31.62 -8.64 1.38
C GLY C 10 32.93 -7.98 0.99
N LEU C 11 33.98 -8.33 1.74
CA LEU C 11 35.33 -7.85 1.45
C LEU C 11 36.04 -8.89 0.60
N VAL C 12 36.60 -8.46 -0.51
CA VAL C 12 37.15 -9.37 -1.50
C VAL C 12 38.59 -8.99 -1.83
N GLN C 13 39.36 -9.99 -2.23
CA GLN C 13 40.72 -9.76 -2.68
C GLN C 13 40.70 -9.10 -4.06
N PRO C 14 41.58 -8.13 -4.31
CA PRO C 14 41.71 -7.59 -5.67
C PRO C 14 42.02 -8.69 -6.68
N GLY C 15 41.37 -8.63 -7.83
CA GLY C 15 41.39 -9.72 -8.77
C GLY C 15 40.51 -10.89 -8.37
N GLY C 16 39.84 -10.82 -7.24
CA GLY C 16 38.96 -11.87 -6.79
C GLY C 16 37.59 -11.79 -7.45
N SER C 17 36.69 -12.64 -6.94
CA SER C 17 35.36 -12.76 -7.51
C SER C 17 34.33 -12.77 -6.38
N LEU C 18 33.14 -12.27 -6.70
CA LEU C 18 31.99 -12.30 -5.81
C LEU C 18 30.74 -12.53 -6.63
N ARG C 19 29.72 -13.11 -6.00
CA ARG C 19 28.42 -13.31 -6.64
C ARG C 19 27.35 -12.66 -5.78
N LEU C 20 26.58 -11.78 -6.38
CA LEU C 20 25.48 -11.11 -5.71
C LEU C 20 24.15 -11.71 -6.13
N SER C 21 23.26 -11.89 -5.17
CA SER C 21 21.89 -12.31 -5.41
C SER C 21 20.95 -11.16 -5.12
N CYS C 22 19.76 -11.22 -5.71
CA CYS C 22 18.76 -10.20 -5.46
C CYS C 22 17.40 -10.87 -5.62
N THR C 23 16.73 -11.13 -4.50
CA THR C 23 15.42 -11.76 -4.52
C THR C 23 14.32 -10.70 -4.63
N ALA C 24 13.34 -10.97 -5.48
CA ALA C 24 12.29 -10.01 -5.79
C ALA C 24 10.95 -10.58 -5.38
N SER C 25 10.14 -9.75 -4.71
CA SER C 25 8.77 -10.11 -4.37
C SER C 25 7.92 -8.85 -4.48
N GLY C 26 6.62 -9.06 -4.63
CA GLY C 26 5.70 -7.94 -4.72
C GLY C 26 5.40 -7.47 -6.13
N PHE C 27 5.93 -8.14 -7.15
CA PHE C 27 5.61 -7.80 -8.52
C PHE C 27 5.92 -9.00 -9.39
N ILE C 28 5.40 -8.97 -10.62
CA ILE C 28 5.58 -10.07 -11.56
C ILE C 28 7.00 -9.96 -12.09
N PHE C 29 7.91 -10.74 -11.51
CA PHE C 29 9.34 -10.60 -11.79
C PHE C 29 9.64 -10.84 -13.25
N SER C 30 9.07 -11.89 -13.82
CA SER C 30 9.39 -12.27 -15.19
C SER C 30 8.92 -11.29 -16.21
N ALA C 31 8.25 -10.22 -15.81
CA ALA C 31 7.71 -9.26 -16.74
C ALA C 31 8.41 -7.92 -16.65
N ASN C 32 9.61 -7.89 -16.08
CA ASN C 32 10.29 -6.64 -15.79
C ASN C 32 11.75 -6.71 -16.21
N GLN C 33 12.18 -5.72 -16.99
CA GLN C 33 13.60 -5.50 -17.21
C GLN C 33 14.28 -5.19 -15.88
N MET C 34 15.40 -5.84 -15.63
CA MET C 34 16.12 -5.72 -14.38
C MET C 34 17.56 -5.27 -14.61
N ASN C 35 18.15 -4.71 -13.56
CA ASN C 35 19.45 -4.06 -13.70
C ASN C 35 20.25 -4.18 -12.41
N TRP C 36 21.54 -3.93 -12.52
CA TRP C 36 22.43 -3.73 -11.38
C TRP C 36 23.04 -2.35 -11.50
N VAL C 37 23.05 -1.62 -10.39
CA VAL C 37 23.63 -0.27 -10.34
C VAL C 37 24.45 -0.15 -9.07
N ARG C 38 25.51 0.66 -9.13
CA ARG C 38 26.42 0.80 -8.01
C ARG C 38 26.63 2.26 -7.68
N GLN C 39 27.04 2.51 -6.44
CA GLN C 39 27.35 3.84 -5.95
C GLN C 39 28.74 3.82 -5.35
N ALA C 40 29.70 4.50 -6.03
CA ALA C 40 31.07 4.57 -5.57
C ALA C 40 31.36 5.94 -4.96
N PRO C 41 32.23 6.00 -3.96
CA PRO C 41 32.48 7.29 -3.31
C PRO C 41 32.99 8.32 -4.32
N GLY C 42 32.50 9.54 -4.18
CA GLY C 42 32.87 10.63 -5.06
C GLY C 42 32.34 10.50 -6.46
N LYS C 43 31.62 9.44 -6.76
CA LYS C 43 31.09 9.19 -8.09
C LYS C 43 29.57 9.18 -8.03
N GLY C 44 28.94 9.55 -9.15
CA GLY C 44 27.51 9.39 -9.28
C GLY C 44 27.14 7.94 -9.50
N LEU C 45 25.84 7.66 -9.39
CA LEU C 45 25.37 6.31 -9.63
C LEU C 45 25.78 5.86 -11.02
N GLU C 46 26.25 4.62 -11.13
CA GLU C 46 26.73 4.05 -12.38
C GLU C 46 25.94 2.78 -12.68
N TRP C 47 25.17 2.81 -13.77
CA TRP C 47 24.53 1.61 -14.27
C TRP C 47 25.59 0.69 -14.84
N LEU C 48 25.55 -0.57 -14.47
CA LEU C 48 26.53 -1.55 -14.90
C LEU C 48 26.00 -2.58 -15.89
N SER C 49 24.79 -3.08 -15.67
CA SER C 49 24.28 -4.15 -16.52
C SER C 49 22.76 -4.10 -16.57
N GLY C 50 22.22 -4.68 -17.64
CA GLY C 50 20.78 -4.78 -17.78
C GLY C 50 20.45 -6.08 -18.48
N ILE C 51 19.25 -6.59 -18.20
CA ILE C 51 18.76 -7.85 -18.77
C ILE C 51 17.28 -7.73 -19.07
N SER C 52 16.87 -8.31 -20.20
CA SER C 52 15.48 -8.20 -20.62
C SER C 52 14.59 -9.08 -19.73
N THR C 53 13.29 -9.04 -19.92
CA THR C 53 12.32 -9.78 -19.10
C THR C 53 12.59 -11.28 -19.13
N ARG C 54 12.72 -11.89 -20.29
CA ARG C 54 12.91 -13.35 -20.36
C ARG C 54 14.38 -13.71 -20.14
N GLY C 55 15.28 -12.81 -20.46
CA GLY C 55 16.72 -13.01 -20.31
C GLY C 55 17.38 -13.33 -21.62
N ASP C 56 16.77 -13.07 -22.76
CA ASP C 56 17.39 -13.36 -24.04
C ASP C 56 18.30 -12.25 -24.53
N THR C 57 18.26 -11.08 -23.91
CA THR C 57 19.19 -10.01 -24.27
C THR C 57 19.73 -9.39 -22.99
N THR C 58 21.00 -9.02 -23.00
CA THR C 58 21.66 -8.40 -21.86
C THR C 58 22.48 -7.22 -22.36
N SER C 59 22.77 -6.29 -21.46
CA SER C 59 23.58 -5.14 -21.77
C SER C 59 24.53 -4.89 -20.61
N TYR C 60 25.73 -4.38 -20.93
CA TYR C 60 26.73 -4.07 -19.93
C TYR C 60 27.39 -2.73 -20.25
N ALA C 61 27.74 -1.99 -19.20
CA ALA C 61 28.58 -0.81 -19.36
C ALA C 61 30.01 -1.22 -19.72
N ASP C 62 30.69 -0.35 -20.46
CA ASP C 62 32.06 -0.64 -20.85
C ASP C 62 32.89 -0.90 -19.62
N SER C 63 32.56 -0.22 -18.57
CA SER C 63 33.44 -0.28 -17.43
C SER C 63 33.47 -1.70 -16.87
N VAL C 64 32.47 -2.53 -17.17
CA VAL C 64 32.35 -3.87 -16.60
C VAL C 64 32.17 -4.93 -17.67
N LYS C 65 32.14 -4.53 -18.92
CA LYS C 65 31.92 -5.46 -20.00
C LYS C 65 33.03 -6.49 -20.02
N GLY C 66 32.63 -7.75 -20.18
CA GLY C 66 33.53 -8.85 -20.25
C GLY C 66 33.88 -9.43 -18.91
N ARG C 67 33.87 -8.61 -17.85
CA ARG C 67 34.22 -9.09 -16.53
C ARG C 67 33.00 -9.58 -15.76
N PHE C 68 31.85 -8.94 -15.93
CA PHE C 68 30.67 -9.24 -15.16
C PHE C 68 29.61 -9.87 -16.05
N THR C 69 28.84 -10.80 -15.48
CA THR C 69 27.76 -11.48 -16.17
C THR C 69 26.48 -11.33 -15.37
N ILE C 70 25.46 -10.77 -16.00
CA ILE C 70 24.14 -10.60 -15.39
C ILE C 70 23.28 -11.78 -15.83
N SER C 71 22.47 -12.28 -14.90
CA SER C 71 21.56 -13.38 -15.18
C SER C 71 20.34 -13.29 -14.27
N ARG C 72 19.28 -14.02 -14.64
CA ARG C 72 18.07 -14.04 -13.84
C ARG C 72 17.50 -15.45 -13.83
N ASP C 73 17.02 -15.86 -12.67
CA ASP C 73 16.25 -17.09 -12.51
C ASP C 73 14.80 -16.68 -12.26
N ASN C 74 14.00 -16.65 -13.32
CA ASN C 74 12.63 -16.18 -13.20
C ASN C 74 11.78 -17.11 -12.33
N ALA C 75 12.07 -18.40 -12.32
CA ALA C 75 11.29 -19.34 -11.53
C ALA C 75 11.48 -19.14 -10.03
N LYS C 76 12.56 -18.49 -9.63
CA LYS C 76 12.82 -18.22 -8.22
C LYS C 76 12.83 -16.73 -7.92
N ASN C 77 12.42 -15.90 -8.86
CA ASN C 77 12.29 -14.47 -8.65
C ASN C 77 13.59 -13.87 -8.11
N THR C 78 14.71 -14.31 -8.69
CA THR C 78 16.01 -13.86 -8.23
C THR C 78 16.84 -13.35 -9.39
N LEU C 79 17.54 -12.25 -9.16
CA LEU C 79 18.51 -11.68 -10.09
C LEU C 79 19.91 -11.87 -9.52
N TYR C 80 20.87 -12.14 -10.41
CA TYR C 80 22.25 -12.34 -9.99
C TYR C 80 23.20 -11.45 -10.78
N LEU C 81 24.41 -11.32 -10.24
CA LEU C 81 25.52 -10.68 -10.93
C LEU C 81 26.79 -11.41 -10.56
N GLN C 82 27.44 -12.02 -11.54
CA GLN C 82 28.74 -12.63 -11.33
C GLN C 82 29.82 -11.56 -11.53
N MET C 83 30.71 -11.45 -10.56
CA MET C 83 31.79 -10.47 -10.61
C MET C 83 33.13 -11.20 -10.60
N ASN C 84 33.99 -10.87 -11.57
CA ASN C 84 35.30 -11.48 -11.68
C ASN C 84 36.33 -10.39 -11.95
N SER C 85 37.59 -10.69 -11.62
CA SER C 85 38.69 -9.76 -11.85
C SER C 85 38.39 -8.41 -11.23
N LEU C 86 37.97 -8.43 -9.98
CA LEU C 86 37.58 -7.21 -9.31
C LEU C 86 38.78 -6.31 -9.06
N GLN C 87 38.58 -5.01 -9.21
CA GLN C 87 39.62 -4.01 -9.11
C GLN C 87 39.29 -3.04 -7.98
N PRO C 88 40.28 -2.33 -7.45
CA PRO C 88 40.01 -1.39 -6.35
C PRO C 88 38.99 -0.31 -6.71
N ASP C 89 38.87 0.09 -7.97
CA ASP C 89 37.88 1.10 -8.34
C ASP C 89 36.47 0.51 -8.45
N ASP C 90 36.31 -0.79 -8.26
CA ASP C 90 34.99 -1.41 -8.22
C ASP C 90 34.39 -1.40 -6.82
N THR C 91 35.06 -0.78 -5.85
CA THR C 91 34.52 -0.73 -4.51
C THR C 91 33.31 0.20 -4.47
N ALA C 92 32.16 -0.32 -4.02
CA ALA C 92 30.94 0.45 -3.99
C ALA C 92 29.83 -0.40 -3.38
N VAL C 93 28.72 0.25 -3.10
CA VAL C 93 27.49 -0.45 -2.74
C VAL C 93 26.76 -0.75 -4.04
N TYR C 94 26.36 -2.01 -4.20
CA TYR C 94 25.72 -2.47 -5.42
C TYR C 94 24.24 -2.67 -5.19
N PHE C 95 23.42 -2.12 -6.10
CA PHE C 95 21.98 -2.20 -6.02
C PHE C 95 21.44 -2.97 -7.22
N CYS C 96 20.35 -3.72 -7.00
CA CYS C 96 19.55 -4.27 -8.08
C CYS C 96 18.28 -3.42 -8.16
N ALA C 97 17.94 -3.01 -9.36
CA ALA C 97 16.81 -2.12 -9.59
C ALA C 97 15.88 -2.70 -10.66
N ARG C 98 14.62 -2.30 -10.59
CA ARG C 98 13.59 -2.76 -11.51
C ARG C 98 13.34 -1.68 -12.56
N VAL C 99 13.45 -2.07 -13.83
CA VAL C 99 13.10 -1.21 -14.95
C VAL C 99 13.85 0.11 -14.84
N CYS C 100 14.98 0.21 -15.53
CA CYS C 100 15.84 1.38 -15.49
C CYS C 100 15.82 2.04 -16.84
N ILE C 101 15.70 3.37 -16.84
CA ILE C 101 15.63 4.16 -18.06
C ILE C 101 16.83 5.09 -18.10
N ARG C 102 17.58 5.02 -19.19
CA ARG C 102 18.76 5.83 -19.37
C ARG C 102 18.75 6.59 -20.69
N GLY C 103 17.69 6.48 -21.48
CA GLY C 103 17.66 7.00 -22.83
C GLY C 103 17.73 8.52 -22.96
N PRO C 104 16.89 9.25 -22.20
CA PRO C 104 16.73 10.70 -22.49
C PRO C 104 17.99 11.53 -22.41
N GLU C 105 18.65 11.56 -21.25
CA GLU C 105 19.78 12.41 -20.92
C GLU C 105 20.75 11.52 -20.13
N PRO C 106 22.06 11.87 -20.05
CA PRO C 106 22.87 11.19 -19.04
C PRO C 106 22.22 11.41 -17.68
N LYS C 107 21.61 10.34 -17.16
CA LYS C 107 20.77 10.36 -15.98
C LYS C 107 20.36 8.91 -15.74
N LEU C 108 19.67 8.68 -14.62
CA LEU C 108 19.24 7.33 -14.32
C LEU C 108 18.04 7.38 -13.39
N ARG C 109 16.95 6.78 -13.83
CA ARG C 109 15.78 6.57 -12.98
C ARG C 109 15.35 5.12 -13.15
N CYS C 110 15.04 4.46 -12.03
CA CYS C 110 14.52 3.10 -12.04
C CYS C 110 13.29 3.04 -11.16
N ASP C 111 12.35 2.15 -11.51
CA ASP C 111 11.06 2.13 -10.81
C ASP C 111 11.21 1.71 -9.35
N ASP C 112 11.94 0.63 -9.09
CA ASP C 112 12.15 0.14 -7.74
C ASP C 112 13.61 -0.24 -7.54
N TRP C 113 14.08 -0.10 -6.31
CA TRP C 113 15.47 -0.35 -5.96
C TRP C 113 15.57 -1.24 -4.73
N GLY C 114 16.68 -1.99 -4.63
CA GLY C 114 16.97 -2.77 -3.45
C GLY C 114 17.67 -1.95 -2.38
N GLN C 115 17.90 -2.59 -1.23
CA GLN C 115 18.55 -1.89 -0.11
C GLN C 115 20.05 -1.75 -0.31
N GLY C 116 20.69 -2.66 -1.02
CA GLY C 116 22.11 -2.59 -1.30
C GLY C 116 22.91 -3.54 -0.43
N THR C 117 24.07 -3.93 -0.94
CA THR C 117 25.02 -4.76 -0.20
C THR C 117 26.42 -4.24 -0.48
N GLN C 118 27.25 -4.19 0.56
CA GLN C 118 28.57 -3.59 0.45
C GLN C 118 29.53 -4.53 -0.28
N VAL C 119 30.33 -3.97 -1.17
CA VAL C 119 31.39 -4.69 -1.86
C VAL C 119 32.68 -3.90 -1.68
N THR C 120 33.71 -4.56 -1.16
CA THR C 120 35.00 -3.93 -0.90
C THR C 120 36.14 -4.79 -1.44
N VAL C 121 37.01 -4.18 -2.22
CA VAL C 121 38.16 -4.87 -2.81
C VAL C 121 39.40 -4.39 -2.07
N SER C 122 39.83 -5.14 -1.06
CA SER C 122 40.95 -4.72 -0.25
C SER C 122 42.28 -5.02 -0.90
N MET D 1 32.37 -0.74 7.75
CA MET D 1 32.77 0.50 7.01
C MET D 1 32.10 1.73 7.67
N GLY D 2 31.85 1.63 8.97
CA GLY D 2 30.82 2.45 9.58
C GLY D 2 31.02 3.96 9.46
N SER D 3 32.16 4.47 9.92
CA SER D 3 32.43 5.90 10.14
C SER D 3 31.54 6.39 11.29
N ALA D 4 30.75 7.45 11.12
CA ALA D 4 30.05 8.08 12.25
C ALA D 4 28.98 7.19 12.88
N PHE D 5 28.30 7.67 13.92
CA PHE D 5 27.43 6.78 14.68
C PHE D 5 26.26 6.28 13.85
N GLU D 6 25.47 7.20 13.28
CA GLU D 6 24.36 6.76 12.45
C GLU D 6 24.86 6.02 11.23
N ARG D 7 25.94 6.49 10.61
CA ARG D 7 26.51 5.79 9.48
C ARG D 7 26.88 4.36 9.84
N VAL D 8 27.30 4.14 11.09
CA VAL D 8 27.51 2.77 11.55
C VAL D 8 26.19 2.04 11.68
N VAL D 9 25.17 2.71 12.22
CA VAL D 9 23.85 2.12 12.30
C VAL D 9 23.36 1.77 10.91
N ARG D 10 23.53 2.68 9.95
CA ARG D 10 23.06 2.41 8.60
C ARG D 10 23.65 1.11 8.06
N ARG D 11 24.95 0.88 8.28
CA ARG D 11 25.59 -0.29 7.69
C ARG D 11 25.22 -1.54 8.45
N VAL D 12 25.10 -1.43 9.77
CA VAL D 12 24.72 -2.60 10.56
C VAL D 12 23.38 -3.12 10.08
N VAL D 13 22.42 -2.21 9.87
CA VAL D 13 21.10 -2.60 9.40
C VAL D 13 21.19 -3.10 7.97
N GLN D 14 21.93 -2.39 7.13
CA GLN D 14 22.08 -2.81 5.75
C GLN D 14 22.65 -4.20 5.66
N GLU D 15 23.47 -4.59 6.64
CA GLU D 15 24.12 -5.88 6.61
C GLU D 15 23.26 -6.98 7.19
N LEU D 16 22.50 -6.68 8.24
CA LEU D 16 21.86 -7.73 9.01
C LEU D 16 20.36 -7.86 8.79
N ASP D 17 19.69 -6.79 8.34
CA ASP D 17 18.23 -6.80 8.20
C ASP D 17 17.91 -7.09 6.75
N HIS D 18 17.72 -8.38 6.44
CA HIS D 18 17.38 -8.77 5.08
C HIS D 18 15.94 -8.42 4.74
N GLY D 19 15.05 -8.38 5.73
CA GLY D 19 13.64 -8.16 5.45
C GLY D 19 13.22 -6.74 5.63
N GLY D 20 14.12 -5.88 6.11
CA GLY D 20 13.75 -4.50 6.34
C GLY D 20 12.73 -4.30 7.44
N GLU D 21 12.80 -5.12 8.48
CA GLU D 21 11.88 -5.00 9.59
C GLU D 21 12.42 -4.16 10.74
N PHE D 22 13.67 -3.74 10.68
CA PHE D 22 14.29 -3.11 11.83
C PHE D 22 14.14 -1.60 11.79
N ILE D 23 14.10 -1.00 12.97
CA ILE D 23 13.98 0.45 13.16
C ILE D 23 15.34 0.94 13.65
N PRO D 24 16.06 1.75 12.88
CA PRO D 24 17.35 2.26 13.35
C PRO D 24 17.19 3.29 14.45
N VAL D 25 18.18 3.32 15.34
CA VAL D 25 18.27 4.38 16.33
C VAL D 25 18.96 5.57 15.70
N THR D 26 18.48 6.77 16.04
CA THR D 26 18.96 7.99 15.41
C THR D 26 20.06 8.71 16.20
N SER D 27 20.02 8.64 17.52
CA SER D 27 21.01 9.28 18.37
C SER D 27 21.41 8.31 19.46
N LEU D 28 22.63 8.47 19.97
CA LEU D 28 23.13 7.55 20.99
C LEU D 28 22.38 7.70 22.30
N GLN D 29 21.96 8.91 22.63
CA GLN D 29 21.16 9.10 23.86
C GLN D 29 19.80 8.42 23.73
N SER D 30 19.16 8.56 22.56
CA SER D 30 17.84 7.97 22.36
C SER D 30 17.86 6.46 22.58
N SER D 31 19.00 5.82 22.31
CA SER D 31 19.09 4.38 22.50
C SER D 31 18.94 3.96 23.97
N THR D 32 18.88 4.91 24.88
CA THR D 32 18.68 4.59 26.28
C THR D 32 17.29 4.03 26.49
N GLY D 33 17.19 3.01 27.34
CA GLY D 33 15.93 2.42 27.67
C GLY D 33 15.39 1.44 26.66
N PHE D 34 15.85 1.49 25.41
CA PHE D 34 15.36 0.61 24.36
C PHE D 34 15.99 -0.77 24.55
N GLN D 35 15.40 -1.52 25.47
CA GLN D 35 15.76 -2.90 25.73
C GLN D 35 14.60 -3.81 25.34
N PRO D 36 14.82 -5.12 25.29
CA PRO D 36 13.68 -6.01 25.12
C PRO D 36 12.63 -5.76 26.18
N TYR D 37 11.38 -5.64 25.75
CA TYR D 37 10.18 -5.45 26.55
C TYR D 37 9.95 -4.00 26.99
N CYS D 38 10.83 -3.06 26.70
CA CYS D 38 10.49 -1.67 26.95
C CYS D 38 9.25 -1.34 26.12
N LEU D 39 8.32 -0.58 26.69
CA LEU D 39 7.19 -0.07 25.95
C LEU D 39 7.57 1.21 25.25
N VAL D 40 7.34 1.27 23.94
CA VAL D 40 7.63 2.44 23.15
C VAL D 40 6.34 2.97 22.56
N VAL D 41 6.28 4.27 22.35
CA VAL D 41 5.08 4.91 21.82
C VAL D 41 5.48 5.66 20.57
N ARG D 42 4.57 5.77 19.62
CA ARG D 42 4.72 6.66 18.49
C ARG D 42 3.53 7.63 18.49
N LYS D 43 3.82 8.90 18.75
CA LYS D 43 2.77 9.88 18.86
C LYS D 43 2.18 10.20 17.48
N PRO D 44 1.01 10.83 17.46
CA PRO D 44 0.37 11.15 16.18
C PRO D 44 1.23 12.05 15.32
N SER D 45 1.13 11.86 14.01
CA SER D 45 1.90 12.66 13.07
C SER D 45 1.22 13.99 12.82
N SER D 46 2.04 14.99 12.52
CA SER D 46 1.57 16.30 12.06
C SER D 46 2.02 16.60 10.63
N SER D 47 2.73 15.67 10.01
CA SER D 47 3.16 15.80 8.63
C SER D 47 3.00 14.48 7.91
N TRP D 48 2.63 14.55 6.64
CA TRP D 48 2.59 13.36 5.79
C TRP D 48 3.97 12.99 5.26
N PHE D 49 4.97 13.83 5.50
CA PHE D 49 6.31 13.60 4.99
C PHE D 49 7.30 13.18 6.06
N TRP D 50 6.90 13.16 7.33
CA TRP D 50 7.71 12.56 8.39
C TRP D 50 6.81 12.25 9.57
N LYS D 51 7.05 11.10 10.20
CA LYS D 51 6.30 10.66 11.37
C LYS D 51 7.16 10.75 12.61
N PRO D 52 6.61 11.20 13.74
CA PRO D 52 7.38 11.12 14.98
C PRO D 52 7.89 9.71 15.21
N ARG D 53 9.03 9.63 15.88
CA ARG D 53 9.77 8.39 16.07
C ARG D 53 9.28 7.64 17.31
N TYR D 54 9.62 6.36 17.35
CA TYR D 54 9.36 5.57 18.55
C TYR D 54 10.21 6.10 19.71
N LYS D 55 9.64 6.14 20.90
CA LYS D 55 10.31 6.68 22.07
C LYS D 55 9.93 5.81 23.25
N CYS D 56 10.91 5.36 24.05
CA CYS D 56 10.60 4.58 25.24
C CYS D 56 9.85 5.46 26.24
N VAL D 57 8.80 4.90 26.84
CA VAL D 57 8.15 5.55 27.97
C VAL D 57 8.78 5.02 29.24
N ASN D 58 9.90 4.32 29.10
CA ASN D 58 10.62 3.77 30.25
C ASN D 58 9.72 2.89 31.09
N LEU D 59 8.96 2.04 30.43
CA LEU D 59 8.09 1.08 31.08
C LEU D 59 8.20 -0.24 30.36
N SER D 60 8.22 -1.32 31.11
CA SER D 60 8.25 -2.66 30.55
C SER D 60 6.84 -3.25 30.54
N ILE D 61 6.65 -4.23 29.66
CA ILE D 61 5.33 -4.81 29.52
C ILE D 61 4.90 -5.55 30.77
N LYS D 62 5.85 -6.04 31.55
CA LYS D 62 5.51 -6.69 32.81
C LYS D 62 4.95 -5.72 33.83
N ASP D 63 5.25 -4.44 33.69
CA ASP D 63 4.78 -3.45 34.65
C ASP D 63 3.30 -3.20 34.53
N ILE D 64 2.68 -3.61 33.43
CA ILE D 64 1.25 -3.46 33.25
C ILE D 64 0.51 -4.76 33.34
N LEU D 65 1.22 -5.86 33.55
CA LEU D 65 0.61 -7.17 33.65
C LEU D 65 0.48 -7.58 35.12
N GLU D 66 -0.61 -8.30 35.40
N GLU D 66 -0.10 -8.74 35.29
CA GLU D 66 -0.94 -8.78 36.74
CA GLU D 66 -0.56 -9.19 36.59
C GLU D 66 -0.11 -10.03 36.94
C GLU D 66 0.48 -9.23 37.72
N PRO D 67 -0.15 -10.64 38.12
N PRO D 67 1.36 -10.23 37.83
CA PRO D 67 1.02 -11.39 38.58
CA PRO D 67 2.07 -10.36 39.12
C PRO D 67 2.31 -10.67 38.19
C PRO D 67 3.47 -9.81 39.23
N ASP D 68 2.78 -9.81 39.09
N ASP D 68 3.76 -8.68 38.60
CA ASP D 68 4.07 -9.17 38.90
CA ASP D 68 5.09 -8.09 38.65
C ASP D 68 5.18 -10.21 38.94
C ASP D 68 6.20 -9.14 38.65
N ALA D 69 6.01 -10.23 37.90
CA ALA D 69 7.05 -11.25 37.81
C ALA D 69 8.15 -10.78 36.86
N ALA D 70 9.33 -11.39 37.00
CA ALA D 70 10.45 -10.97 36.19
C ALA D 70 10.17 -11.21 34.72
N GLU D 71 10.81 -10.44 33.87
CA GLU D 71 10.61 -10.62 32.44
C GLU D 71 10.97 -12.05 32.04
N PRO D 72 10.25 -12.65 31.08
CA PRO D 72 10.59 -14.00 30.63
C PRO D 72 11.98 -14.04 30.03
N ASP D 73 12.41 -15.24 29.69
CA ASP D 73 13.75 -15.39 29.15
C ASP D 73 13.86 -14.69 27.80
N VAL D 74 15.04 -14.16 27.53
CA VAL D 74 15.38 -13.66 26.21
C VAL D 74 16.16 -14.75 25.49
N GLN D 75 16.14 -14.68 24.17
CA GLN D 75 16.85 -15.64 23.33
C GLN D 75 17.98 -14.91 22.66
N ARG D 76 19.20 -15.42 22.84
CA ARG D 76 20.36 -14.81 22.21
C ARG D 76 20.45 -15.19 20.74
N GLY D 77 20.86 -14.23 19.91
CA GLY D 77 21.04 -14.45 18.50
C GLY D 77 22.50 -14.50 18.11
N ARG D 78 22.75 -14.34 16.81
CA ARG D 78 24.10 -14.41 16.28
C ARG D 78 24.83 -13.11 16.55
N SER D 79 26.15 -13.21 16.69
CA SER D 79 27.04 -12.07 16.82
C SER D 79 27.77 -11.86 15.50
N PHE D 80 28.03 -10.59 15.18
CA PHE D 80 28.65 -10.22 13.92
C PHE D 80 29.77 -9.22 14.18
N HIS D 81 30.92 -9.44 13.54
CA HIS D 81 32.12 -8.65 13.73
C HIS D 81 32.28 -7.71 12.55
N PHE D 82 32.07 -6.44 12.78
CA PHE D 82 32.18 -5.49 11.70
C PHE D 82 33.58 -4.98 11.47
N TYR D 83 34.39 -4.92 12.52
CA TYR D 83 35.79 -4.46 12.53
C TYR D 83 35.88 -2.98 12.15
N ASP D 84 34.75 -2.40 11.75
CA ASP D 84 34.55 -0.96 11.69
C ASP D 84 35.31 -0.20 10.59
N ALA D 85 35.06 1.11 10.54
CA ALA D 85 35.74 2.10 9.72
C ALA D 85 35.50 3.43 10.42
N MET D 86 36.18 4.45 9.95
CA MET D 86 36.15 5.77 10.58
C MET D 86 35.31 5.92 11.85
N SER D 113 39.27 -8.34 20.97
CA SER D 113 39.02 -7.19 21.85
C SER D 113 39.77 -5.99 21.29
N SER D 114 39.22 -5.33 20.28
CA SER D 114 39.97 -4.31 19.57
C SER D 114 39.16 -3.03 19.51
N SER D 115 39.78 -1.92 19.90
CA SER D 115 39.08 -0.66 19.87
C SER D 115 38.62 -0.34 18.46
N THR D 116 39.43 -0.67 17.46
CA THR D 116 38.94 -0.55 16.09
C THR D 116 37.81 -1.54 15.82
N SER D 117 37.82 -2.70 16.47
CA SER D 117 36.81 -3.72 16.19
C SER D 117 35.54 -3.48 16.98
N MET D 118 34.42 -3.90 16.39
CA MET D 118 33.10 -3.87 16.98
C MET D 118 32.45 -5.22 16.78
N ASN D 119 31.67 -5.66 17.76
CA ASN D 119 30.85 -6.84 17.63
C ASN D 119 29.44 -6.45 18.06
N VAL D 120 28.46 -6.84 17.25
CA VAL D 120 27.06 -6.59 17.54
C VAL D 120 26.32 -7.92 17.56
N TYR D 121 25.43 -8.09 18.55
CA TYR D 121 24.67 -9.32 18.72
C TYR D 121 23.20 -9.01 18.85
N SER D 122 22.38 -10.05 18.72
CA SER D 122 20.93 -9.93 18.72
C SER D 122 20.35 -10.53 19.99
N LEU D 123 19.48 -9.79 20.65
CA LEU D 123 18.61 -10.28 21.71
C LEU D 123 17.17 -10.12 21.25
N SER D 124 16.41 -11.22 21.25
CA SER D 124 15.04 -11.17 20.76
C SER D 124 14.11 -11.94 21.68
N VAL D 125 12.83 -11.57 21.64
CA VAL D 125 11.77 -12.28 22.35
C VAL D 125 11.18 -13.33 21.42
N ASP D 126 11.11 -14.57 21.88
CA ASP D 126 10.55 -15.62 21.07
C ASP D 126 9.08 -15.33 20.82
N PRO D 127 8.59 -15.44 19.59
CA PRO D 127 7.16 -15.15 19.36
C PRO D 127 6.25 -16.03 20.19
N ASN D 128 6.66 -17.26 20.49
CA ASN D 128 5.85 -18.15 21.31
C ASN D 128 5.83 -17.73 22.77
N THR D 129 6.68 -16.80 23.18
CA THR D 129 6.65 -16.36 24.56
C THR D 129 5.35 -15.65 24.88
N TRP D 130 4.78 -14.98 23.90
CA TRP D 130 3.54 -14.25 24.17
C TRP D 130 2.39 -15.19 24.44
N GLN D 131 2.37 -16.35 23.79
CA GLN D 131 1.29 -17.29 24.01
C GLN D 131 1.23 -17.71 25.47
N THR D 132 2.36 -18.11 26.05
CA THR D 132 2.37 -18.50 27.45
C THR D 132 2.29 -17.27 28.35
N LEU D 133 3.00 -16.21 28.00
CA LEU D 133 3.06 -15.06 28.89
C LEU D 133 1.69 -14.41 29.06
N LEU D 134 1.01 -14.17 27.94
CA LEU D 134 -0.31 -13.57 28.01
C LEU D 134 -1.35 -14.54 28.54
N HIS D 135 -0.97 -15.79 28.76
CA HIS D 135 -1.81 -16.77 29.43
C HIS D 135 -1.46 -16.94 30.90
N GLU D 136 -0.16 -16.81 31.23
CA GLU D 136 0.23 -16.85 32.63
C GLU D 136 -0.14 -15.56 33.36
N ARG D 137 -0.21 -14.44 32.65
CA ARG D 137 -0.34 -13.12 33.27
C ARG D 137 -1.37 -12.33 32.52
N HIS D 138 -1.88 -11.26 33.14
N HIS D 138 -1.79 -11.22 33.14
CA HIS D 138 -3.01 -10.53 32.58
CA HIS D 138 -2.90 -10.44 32.60
C HIS D 138 -2.89 -9.05 32.91
C HIS D 138 -2.73 -8.97 32.86
N LEU D 139 -3.39 -8.20 32.01
CA LEU D 139 -3.35 -6.76 32.17
C LEU D 139 -3.98 -6.34 33.50
N ARG D 140 -3.29 -5.48 34.24
CA ARG D 140 -3.88 -4.94 35.46
C ARG D 140 -5.13 -4.18 35.06
N GLN D 141 -6.29 -4.67 35.45
CA GLN D 141 -7.56 -4.14 35.01
C GLN D 141 -7.79 -2.76 35.58
N PRO D 142 -7.33 -2.46 36.78
CA PRO D 142 -7.10 -1.05 37.13
C PRO D 142 -5.92 -0.52 36.32
N GLU D 143 -6.14 -0.33 35.04
CA GLU D 143 -5.03 -0.24 34.10
C GLU D 143 -4.02 0.84 34.52
N HIS D 144 -2.75 0.52 34.30
CA HIS D 144 -1.63 1.34 34.75
C HIS D 144 -1.89 2.82 34.51
N LYS D 145 -1.55 3.62 35.52
CA LYS D 145 -1.69 5.06 35.41
C LYS D 145 -1.15 5.59 34.09
N VAL D 146 0.02 5.12 33.69
CA VAL D 146 0.64 5.61 32.46
C VAL D 146 -0.17 5.23 31.25
N LEU D 147 -0.71 4.01 31.24
CA LEU D 147 -1.54 3.60 30.11
C LEU D 147 -2.69 4.56 29.92
N GLN D 148 -3.32 4.99 31.01
CA GLN D 148 -4.41 5.96 30.91
C GLN D 148 -3.91 7.28 30.34
N GLN D 149 -2.65 7.62 30.57
CA GLN D 149 -2.07 8.81 29.95
C GLN D 149 -1.94 8.64 28.45
N LEU D 150 -1.38 7.51 28.01
CA LEU D 150 -1.16 7.31 26.59
C LEU D 150 -2.47 7.28 25.82
N ARG D 151 -3.52 6.70 26.41
CA ARG D 151 -4.81 6.67 25.75
C ARG D 151 -5.32 8.09 25.50
N SER D 152 -5.18 8.97 26.49
CA SER D 152 -5.61 10.35 26.31
C SER D 152 -4.75 11.06 25.27
N ARG D 153 -3.46 10.73 25.21
CA ARG D 153 -2.54 11.36 24.29
C ARG D 153 -2.64 10.78 22.87
N GLY D 154 -3.42 9.73 22.68
CA GLY D 154 -3.63 9.19 21.35
C GLY D 154 -2.54 8.28 20.82
N ASP D 155 -1.60 7.85 21.65
CA ASP D 155 -0.46 7.07 21.18
C ASP D 155 -0.88 5.65 20.81
N ASN D 156 -0.21 5.10 19.81
CA ASN D 156 -0.10 3.67 19.64
C ASN D 156 1.09 3.22 20.46
N VAL D 157 0.95 2.08 21.12
CA VAL D 157 1.97 1.57 22.03
C VAL D 157 2.50 0.25 21.51
N TYR D 158 3.82 0.11 21.48
CA TYR D 158 4.50 -1.08 20.98
C TYR D 158 5.44 -1.60 22.04
N VAL D 159 5.83 -2.85 21.90
CA VAL D 159 6.81 -3.48 22.77
C VAL D 159 7.99 -3.92 21.93
N VAL D 160 9.20 -3.72 22.44
CA VAL D 160 10.40 -4.06 21.68
C VAL D 160 10.57 -5.57 21.68
N THR D 161 10.71 -6.16 20.49
CA THR D 161 10.87 -7.60 20.34
C THR D 161 12.28 -8.02 19.94
N GLU D 162 13.12 -7.09 19.50
CA GLU D 162 14.51 -7.41 19.21
C GLU D 162 15.35 -6.15 19.27
N VAL D 163 16.58 -6.30 19.77
CA VAL D 163 17.57 -5.23 19.76
C VAL D 163 18.88 -5.81 19.24
N LEU D 164 19.62 -5.00 18.49
CA LEU D 164 20.99 -5.29 18.12
C LEU D 164 21.90 -4.40 18.96
N GLN D 165 22.75 -5.02 19.76
CA GLN D 165 23.58 -4.30 20.73
C GLN D 165 25.03 -4.75 20.65
N THR D 166 25.91 -3.87 21.13
CA THR D 166 27.35 -4.13 21.14
C THR D 166 27.76 -4.83 22.41
N GLN D 167 28.85 -5.59 22.34
CA GLN D 167 29.38 -6.24 23.53
C GLN D 167 30.18 -5.26 24.41
N LYS D 168 31.11 -4.53 23.80
CA LYS D 168 32.06 -3.71 24.53
C LYS D 168 32.12 -2.31 23.90
N GLU D 169 32.59 -1.34 24.68
CA GLU D 169 32.71 0.02 24.20
C GLU D 169 33.58 0.08 22.94
N VAL D 170 33.26 1.01 22.03
CA VAL D 170 33.84 0.99 20.69
C VAL D 170 34.21 2.38 20.18
N GLU D 171 35.20 2.38 19.28
CA GLU D 171 35.65 3.55 18.51
C GLU D 171 35.58 4.84 19.29
N VAL D 172 36.30 4.89 20.40
CA VAL D 172 36.26 6.03 21.31
C VAL D 172 37.60 6.73 21.21
N THR D 194 37.41 8.91 18.67
CA THR D 194 37.06 10.13 19.38
C THR D 194 35.60 10.11 19.81
N VAL D 195 34.95 8.95 19.66
CA VAL D 195 33.51 8.84 19.89
C VAL D 195 33.17 7.60 20.71
N THR D 196 32.94 7.77 21.99
CA THR D 196 32.74 6.60 22.84
C THR D 196 31.28 6.15 22.86
N ILE D 197 31.05 4.87 22.57
CA ILE D 197 29.73 4.24 22.60
C ILE D 197 29.71 3.26 23.77
N PRO D 198 28.95 3.51 24.83
CA PRO D 198 28.93 2.57 25.95
C PRO D 198 28.45 1.20 25.52
N SER D 199 28.94 0.17 26.22
CA SER D 199 28.55 -1.19 25.89
C SER D 199 27.05 -1.35 26.13
N GLY D 200 26.45 -2.24 25.34
CA GLY D 200 25.01 -2.46 25.43
C GLY D 200 24.18 -1.36 24.82
N SER D 201 24.73 -0.60 23.89
CA SER D 201 23.98 0.41 23.17
C SER D 201 23.20 -0.23 22.04
N THR D 202 21.93 0.12 21.94
CA THR D 202 21.07 -0.40 20.89
C THR D 202 21.27 0.40 19.61
N LEU D 203 21.50 -0.30 18.50
CA LEU D 203 21.62 0.35 17.20
C LEU D 203 20.33 0.28 16.39
N ALA D 204 19.59 -0.81 16.49
CA ALA D 204 18.34 -0.99 15.75
C ALA D 204 17.44 -1.91 16.55
N PHE D 205 16.14 -1.83 16.28
CA PHE D 205 15.18 -2.58 17.08
C PHE D 205 13.94 -2.88 16.25
N ARG D 206 13.23 -3.93 16.67
CA ARG D 206 11.95 -4.30 16.14
C ARG D 206 10.90 -4.19 17.25
N VAL D 207 9.66 -3.91 16.87
CA VAL D 207 8.58 -3.78 17.85
C VAL D 207 7.39 -4.61 17.38
N ALA D 208 6.52 -4.92 18.34
CA ALA D 208 5.20 -5.48 18.09
C ALA D 208 4.18 -4.54 18.72
N GLN D 209 3.02 -4.39 18.09
CA GLN D 209 2.05 -3.40 18.54
C GLN D 209 1.17 -3.97 19.66
N LEU D 210 1.00 -3.20 20.72
CA LEU D 210 0.05 -3.55 21.75
C LEU D 210 -1.35 -3.20 21.31
N VAL D 211 -2.31 -4.03 21.69
CA VAL D 211 -3.73 -3.75 21.51
C VAL D 211 -4.46 -4.10 22.79
N ILE D 212 -5.29 -3.18 23.27
CA ILE D 212 -5.94 -3.28 24.57
C ILE D 212 -7.45 -3.09 24.40
N ASP D 213 -8.22 -4.17 24.59
CA ASP D 213 -9.67 -4.11 24.70
C ASP D 213 -10.04 -4.92 25.96
N SER D 214 -9.93 -4.28 27.12
CA SER D 214 -10.09 -4.93 28.43
C SER D 214 -9.16 -6.13 28.59
N ASP D 215 -8.15 -6.22 27.74
CA ASP D 215 -7.22 -7.33 27.71
C ASP D 215 -5.94 -6.83 27.06
N LEU D 216 -4.99 -7.74 26.81
CA LEU D 216 -3.77 -7.37 26.11
C LEU D 216 -3.38 -8.46 25.13
N ASP D 217 -3.15 -8.06 23.88
CA ASP D 217 -2.64 -8.95 22.87
C ASP D 217 -1.47 -8.26 22.19
N VAL D 218 -0.58 -9.05 21.60
CA VAL D 218 0.61 -8.55 20.93
C VAL D 218 0.55 -8.99 19.47
N LEU D 219 0.48 -8.04 18.58
CA LEU D 219 0.37 -8.31 17.16
C LEU D 219 1.75 -8.22 16.53
N LEU D 220 2.23 -9.34 16.02
CA LEU D 220 3.54 -9.37 15.40
C LEU D 220 3.55 -8.62 14.07
N PHE D 221 2.45 -8.67 13.34
CA PHE D 221 2.36 -8.05 12.01
C PHE D 221 1.02 -7.34 11.85
N PRO D 222 0.85 -6.20 12.52
CA PRO D 222 -0.38 -5.42 12.35
C PRO D 222 -0.36 -4.60 11.07
N ASP D 223 -1.53 -4.13 10.69
CA ASP D 223 -1.63 -3.20 9.58
C ASP D 223 -1.38 -1.78 10.07
N LYS D 224 -1.10 -0.90 9.11
CA LYS D 224 -0.76 0.47 9.45
C LYS D 224 -1.81 1.12 10.35
N LYS D 225 -3.09 0.84 10.08
CA LYS D 225 -4.17 1.51 10.78
C LYS D 225 -4.40 0.97 12.18
N GLN D 226 -3.77 -0.13 12.56
CA GLN D 226 -4.12 -0.77 13.81
C GLN D 226 -3.97 0.20 14.98
N ARG D 227 -4.96 0.19 15.87
CA ARG D 227 -4.99 1.05 17.03
C ARG D 227 -4.62 0.23 18.25
N THR D 228 -3.83 0.83 19.14
CA THR D 228 -3.56 0.17 20.42
C THR D 228 -4.79 0.20 21.30
N PHE D 229 -5.41 1.37 21.42
CA PHE D 229 -6.53 1.57 22.35
C PHE D 229 -7.82 1.38 21.56
N GLN D 230 -8.35 0.18 21.61
CA GLN D 230 -9.57 -0.13 20.88
C GLN D 230 -10.76 0.53 21.58
N PRO D 231 -11.71 1.10 20.81
CA PRO D 231 -12.88 1.72 21.43
C PRO D 231 -13.81 0.66 21.98
N PRO D 232 -14.70 1.03 22.91
CA PRO D 232 -15.62 0.04 23.47
C PRO D 232 -16.58 -0.46 22.42
N ALA D 233 -17.47 -1.40 22.78
CA ALA D 233 -18.54 -1.80 21.88
C ALA D 233 -19.43 -0.62 21.48
N THR D 234 -19.44 0.45 22.26
CA THR D 234 -20.29 1.61 22.02
C THR D 234 -19.67 2.63 21.08
N GLY D 235 -18.36 2.57 20.83
CA GLY D 235 -17.72 3.56 19.99
C GLY D 235 -17.65 4.92 20.59
N LEU D 236 -17.82 5.03 21.90
CA LEU D 236 -17.83 6.30 22.58
C LEU D 236 -16.46 6.62 23.13
N THR D 237 -15.85 7.70 22.66
CA THR D 237 -14.52 8.09 23.09
C THR D 237 -14.54 9.59 23.35
N ASP D 238 -13.34 10.18 23.49
CA ASP D 238 -13.20 11.60 23.78
C ASP D 238 -12.04 12.13 22.96
N GLY D 239 -11.76 13.42 23.12
CA GLY D 239 -10.69 14.04 22.37
C GLY D 239 -9.41 13.24 22.55
N VAL D 240 -9.02 12.56 21.50
CA VAL D 240 -7.85 11.68 21.49
C VAL D 240 -7.36 11.68 20.05
N PRO D 241 -6.06 11.90 19.79
CA PRO D 241 -5.57 11.70 18.41
C PRO D 241 -6.01 10.36 17.82
N ALA D 242 -6.73 10.45 16.70
CA ALA D 242 -7.37 9.30 16.09
C ALA D 242 -7.66 9.63 14.64
N GLU D 243 -8.25 8.68 13.94
CA GLU D 243 -8.77 8.91 12.60
C GLU D 243 -7.64 9.26 11.62
N GLY D 244 -6.56 8.48 11.66
CA GLY D 244 -5.58 8.47 10.59
C GLY D 244 -4.21 9.08 10.87
N ALA D 245 -3.88 9.38 12.12
CA ALA D 245 -2.61 10.06 12.43
C ALA D 245 -2.49 11.36 11.63
N PHE D 246 -3.62 12.05 11.43
CA PHE D 246 -3.71 13.33 10.71
C PHE D 246 -3.82 13.03 9.20
N THR D 247 -4.46 13.94 8.47
CA THR D 247 -4.62 13.83 7.02
C THR D 247 -4.66 15.23 6.45
N GLU D 248 -4.16 15.36 5.23
CA GLU D 248 -4.20 16.63 4.52
C GLU D 248 -4.90 16.48 3.17
N ASP D 249 -5.73 15.45 3.02
CA ASP D 249 -6.40 15.20 1.77
C ASP D 249 -6.87 16.49 1.11
N PHE D 250 -7.55 17.34 1.89
CA PHE D 250 -8.07 18.58 1.32
C PHE D 250 -6.95 19.59 1.06
N GLN D 251 -5.94 19.62 1.94
CA GLN D 251 -4.92 20.65 1.84
C GLN D 251 -4.13 20.51 0.55
N GLY D 252 -3.81 19.28 0.14
CA GLY D 252 -3.07 19.11 -1.10
C GLY D 252 -3.82 19.59 -2.31
N LEU D 253 -5.13 19.38 -2.34
CA LEU D 253 -5.92 19.72 -3.53
C LEU D 253 -5.97 21.23 -3.74
N ARG D 254 -6.26 22.00 -2.69
CA ARG D 254 -6.37 23.44 -2.86
C ARG D 254 -5.07 24.01 -3.43
N ALA D 255 -3.94 23.57 -2.90
CA ALA D 255 -2.66 24.10 -3.35
C ALA D 255 -2.35 23.63 -4.76
N GLU D 256 -2.54 22.34 -5.04
CA GLU D 256 -2.27 21.83 -6.37
C GLU D 256 -3.07 22.59 -7.41
N VAL D 257 -4.33 22.88 -7.11
CA VAL D 257 -5.12 23.74 -7.98
C VAL D 257 -4.45 25.10 -8.08
N GLU D 258 -4.07 25.66 -6.93
CA GLU D 258 -3.55 27.02 -6.92
C GLU D 258 -2.26 27.11 -7.70
N THR D 259 -1.40 26.09 -7.61
CA THR D 259 -0.18 26.09 -8.39
C THR D 259 -0.52 26.19 -9.88
N ILE D 260 -1.38 25.30 -10.36
CA ILE D 260 -1.79 25.37 -11.76
C ILE D 260 -2.49 26.69 -12.02
N SER D 261 -3.32 27.13 -11.08
CA SER D 261 -3.88 28.47 -11.19
C SER D 261 -2.77 29.52 -11.25
N LYS D 262 -1.73 29.34 -10.45
CA LYS D 262 -0.56 30.21 -10.54
C LYS D 262 0.15 30.03 -11.88
N GLU D 263 0.30 28.77 -12.34
CA GLU D 263 0.84 28.58 -13.67
C GLU D 263 -0.03 29.26 -14.72
N LEU D 264 -1.34 29.37 -14.45
CA LEU D 264 -2.23 30.06 -15.38
C LEU D 264 -2.06 31.57 -15.32
N GLU D 265 -1.40 32.09 -14.29
CA GLU D 265 -1.13 33.52 -14.24
C GLU D 265 -0.22 33.95 -15.37
N LEU D 266 0.44 33.01 -16.03
CA LEU D 266 1.29 33.36 -17.17
C LEU D 266 0.50 34.05 -18.28
N LEU D 267 -0.82 33.87 -18.30
CA LEU D 267 -1.64 34.48 -19.33
C LEU D 267 -1.95 35.93 -19.02
N ASP D 268 -1.68 36.80 -19.99
CA ASP D 268 -2.29 38.13 -19.97
C ASP D 268 -3.80 37.99 -20.06
N ARG D 269 -4.52 38.91 -19.42
CA ARG D 269 -5.96 38.77 -19.35
C ARG D 269 -6.59 38.70 -20.74
N GLU D 270 -5.93 39.27 -21.75
CA GLU D 270 -6.44 39.15 -23.12
C GLU D 270 -6.45 37.70 -23.57
N LEU D 271 -5.33 37.00 -23.43
CA LEU D 271 -5.30 35.59 -23.77
C LEU D 271 -6.21 34.78 -22.86
N CYS D 272 -6.44 35.27 -21.64
CA CYS D 272 -7.42 34.62 -20.77
C CYS D 272 -8.80 34.66 -21.42
N GLN D 273 -9.17 35.79 -22.00
CA GLN D 273 -10.50 35.93 -22.54
C GLN D 273 -10.74 35.00 -23.70
N LEU D 274 -9.85 35.03 -24.70
CA LEU D 274 -10.05 34.17 -25.87
C LEU D 274 -10.00 32.70 -25.48
N LEU D 275 -9.17 32.37 -24.50
CA LEU D 275 -9.19 31.01 -24.00
C LEU D 275 -10.52 30.68 -23.36
N LEU D 276 -11.06 31.63 -22.59
CA LEU D 276 -12.39 31.43 -22.01
C LEU D 276 -13.45 31.35 -23.10
N GLU D 277 -13.27 32.11 -24.17
CA GLU D 277 -14.16 31.97 -25.31
C GLU D 277 -14.07 30.56 -25.87
N GLY D 278 -12.86 30.02 -25.98
CA GLY D 278 -12.71 28.65 -26.43
C GLY D 278 -13.24 27.66 -25.40
N LEU D 279 -13.06 27.95 -24.12
CA LEU D 279 -13.57 27.07 -23.09
C LEU D 279 -15.09 27.08 -23.02
N GLU D 280 -15.73 28.22 -23.28
CA GLU D 280 -17.18 28.26 -23.32
C GLU D 280 -17.74 27.25 -24.30
N GLY D 281 -17.01 26.97 -25.38
CA GLY D 281 -17.52 26.12 -26.44
C GLY D 281 -17.44 24.63 -26.20
N VAL D 282 -16.24 24.15 -25.83
CA VAL D 282 -16.05 22.71 -25.71
C VAL D 282 -16.89 22.14 -24.57
N LEU D 283 -17.20 22.96 -23.56
CA LEU D 283 -18.02 22.45 -22.47
C LEU D 283 -19.43 22.08 -22.93
N ARG D 284 -19.91 22.70 -23.99
CA ARG D 284 -21.20 22.37 -24.60
C ARG D 284 -21.05 21.43 -25.78
N ASP D 285 -19.87 20.86 -25.99
CA ASP D 285 -19.60 19.93 -27.08
C ASP D 285 -18.72 18.82 -26.52
N GLN D 286 -19.37 17.70 -26.18
CA GLN D 286 -18.62 16.59 -25.59
C GLN D 286 -17.48 16.14 -26.49
N LEU D 287 -17.74 16.02 -27.80
CA LEU D 287 -16.75 15.46 -28.69
C LEU D 287 -15.63 16.44 -28.98
N ALA D 288 -15.93 17.74 -29.00
CA ALA D 288 -14.86 18.71 -29.16
C ALA D 288 -13.90 18.65 -28.00
N LEU D 289 -14.44 18.45 -26.80
CA LEU D 289 -13.59 18.35 -25.62
C LEU D 289 -12.63 17.17 -25.74
N ARG D 290 -13.12 16.02 -26.22
CA ARG D 290 -12.24 14.87 -26.37
C ARG D 290 -11.15 15.14 -27.39
N ALA D 291 -11.50 15.76 -28.51
CA ALA D 291 -10.50 16.04 -29.54
C ALA D 291 -9.44 17.02 -29.03
N LEU D 292 -9.86 18.01 -28.25
CA LEU D 292 -8.91 18.96 -27.69
C LEU D 292 -7.93 18.27 -26.75
N GLU D 293 -8.43 17.36 -25.93
CA GLU D 293 -7.53 16.64 -25.02
C GLU D 293 -6.53 15.80 -25.80
N GLU D 294 -6.99 15.15 -26.86
CA GLU D 294 -6.08 14.32 -27.65
C GLU D 294 -5.05 15.15 -28.39
N ALA D 295 -5.41 16.37 -28.82
CA ALA D 295 -4.45 17.23 -29.47
C ALA D 295 -3.33 17.62 -28.54
N LEU D 296 -3.49 17.40 -27.24
CA LEU D 296 -2.54 17.86 -26.23
C LEU D 296 -1.87 16.69 -25.52
N GLU D 297 -1.57 15.62 -26.24
CA GLU D 297 -0.84 14.49 -25.67
C GLU D 297 0.60 14.46 -26.21
N GLN D 298 1.33 13.43 -25.81
CA GLN D 298 2.76 13.34 -26.08
C GLN D 298 3.00 12.90 -27.52
N GLY D 299 3.58 13.78 -28.33
CA GLY D 299 3.95 13.45 -29.70
C GLY D 299 2.86 12.82 -30.52
N GLY D 303 5.39 18.16 -31.90
CA GLY D 303 5.48 19.00 -33.09
C GLY D 303 4.50 20.17 -33.08
N PRO D 304 4.08 20.63 -34.26
CA PRO D 304 3.04 21.67 -34.32
C PRO D 304 1.68 21.10 -33.94
N VAL D 305 0.96 21.84 -33.10
CA VAL D 305 -0.27 21.32 -32.52
C VAL D 305 -1.24 20.92 -33.62
N GLU D 306 -2.16 20.00 -33.26
CA GLU D 306 -3.22 19.61 -34.18
C GLU D 306 -4.08 20.82 -34.51
N PRO D 307 -4.31 21.12 -35.78
CA PRO D 307 -5.12 22.31 -36.12
C PRO D 307 -6.62 22.02 -36.02
N LEU D 308 -7.12 22.04 -34.80
CA LEU D 308 -8.53 21.70 -34.57
C LEU D 308 -9.45 22.83 -35.04
N ASP D 309 -10.50 22.44 -35.74
CA ASP D 309 -11.56 23.37 -36.10
C ASP D 309 -12.40 23.70 -34.89
N GLY D 310 -13.05 24.86 -34.95
CA GLY D 310 -14.02 25.22 -33.95
C GLY D 310 -13.38 25.79 -32.71
N PRO D 311 -14.16 25.89 -31.63
CA PRO D 311 -13.63 26.52 -30.41
C PRO D 311 -12.44 25.79 -29.82
N ALA D 312 -12.31 24.49 -30.07
CA ALA D 312 -11.09 23.79 -29.66
C ALA D 312 -9.87 24.41 -30.33
N GLY D 313 -10.03 24.94 -31.53
CA GLY D 313 -8.92 25.63 -32.16
C GLY D 313 -8.50 26.86 -31.37
N ALA D 314 -9.48 27.64 -30.93
CA ALA D 314 -9.14 28.87 -30.23
C ALA D 314 -8.28 28.56 -29.01
N VAL D 315 -8.63 27.50 -28.29
CA VAL D 315 -7.85 27.12 -27.12
C VAL D 315 -6.43 26.78 -27.52
N LEU D 316 -6.26 26.03 -28.60
CA LEU D 316 -4.93 25.66 -29.05
C LEU D 316 -4.13 26.87 -29.46
N GLU D 317 -4.77 27.84 -30.11
CA GLU D 317 -4.07 29.05 -30.51
C GLU D 317 -3.58 29.85 -29.30
N CYS D 318 -4.17 29.63 -28.14
CA CYS D 318 -3.66 30.27 -26.94
C CYS D 318 -2.39 29.63 -26.40
N LEU D 319 -1.97 28.50 -26.98
CA LEU D 319 -0.85 27.75 -26.45
C LEU D 319 0.29 27.61 -27.46
N VAL D 320 0.24 28.33 -28.57
CA VAL D 320 1.25 28.19 -29.61
C VAL D 320 1.76 29.56 -30.03
N LEU D 321 2.92 29.56 -30.67
CA LEU D 321 3.45 30.71 -31.37
C LEU D 321 2.87 30.70 -32.79
N SER D 322 3.17 31.74 -33.56
CA SER D 322 2.71 31.81 -34.94
C SER D 322 3.09 30.55 -35.72
N SER D 323 4.01 29.76 -35.21
CA SER D 323 4.39 28.51 -35.86
C SER D 323 3.44 27.37 -35.55
N GLY D 324 2.60 27.50 -34.54
CA GLY D 324 1.75 26.41 -34.13
C GLY D 324 2.37 25.46 -33.14
N MET D 325 3.52 25.82 -32.57
CA MET D 325 4.22 24.95 -31.64
C MET D 325 3.85 25.34 -30.23
N LEU D 326 3.62 24.34 -29.40
CA LEU D 326 3.09 24.57 -28.06
C LEU D 326 4.06 25.36 -27.20
N VAL D 327 3.50 26.20 -26.33
CA VAL D 327 4.24 26.80 -25.23
C VAL D 327 4.02 25.93 -24.02
N PRO D 328 4.95 25.03 -23.68
CA PRO D 328 4.62 24.01 -22.66
C PRO D 328 4.16 24.59 -21.35
N GLU D 329 4.83 25.63 -20.87
CA GLU D 329 4.41 26.24 -19.62
C GLU D 329 3.00 26.81 -19.71
N LEU D 330 2.50 27.07 -20.91
CA LEU D 330 1.10 27.42 -21.12
C LEU D 330 0.25 26.17 -21.33
N ALA D 331 0.78 25.18 -22.03
CA ALA D 331 0.04 23.95 -22.25
C ALA D 331 -0.12 23.16 -20.95
N ILE D 332 0.89 23.19 -20.10
CA ILE D 332 0.91 22.36 -18.90
C ILE D 332 -0.32 22.63 -18.05
N PRO D 333 -0.55 23.86 -17.60
CA PRO D 333 -1.72 24.10 -16.76
C PRO D 333 -3.04 23.75 -17.43
N VAL D 334 -3.15 23.96 -18.75
CA VAL D 334 -4.39 23.66 -19.45
C VAL D 334 -4.63 22.16 -19.48
N VAL D 335 -3.58 21.40 -19.73
CA VAL D 335 -3.73 19.95 -19.76
C VAL D 335 -4.27 19.46 -18.43
N TYR D 336 -3.87 20.11 -17.34
CA TYR D 336 -4.37 19.73 -16.03
C TYR D 336 -5.86 19.95 -15.94
N LEU D 337 -6.32 21.10 -16.43
CA LEU D 337 -7.74 21.42 -16.32
C LEU D 337 -8.56 20.47 -17.16
N LEU D 338 -8.10 20.17 -18.37
CA LEU D 338 -8.82 19.21 -19.19
C LEU D 338 -8.92 17.87 -18.49
N GLY D 339 -7.87 17.49 -17.76
CA GLY D 339 -7.94 16.28 -16.97
C GLY D 339 -9.04 16.32 -15.93
N ALA D 340 -9.18 17.46 -15.25
CA ALA D 340 -10.28 17.63 -14.31
C ALA D 340 -11.62 17.58 -15.03
N LEU D 341 -11.73 18.34 -16.13
CA LEU D 341 -13.00 18.39 -16.86
C LEU D 341 -13.37 17.03 -17.43
N THR D 342 -12.40 16.30 -17.95
CA THR D 342 -12.69 14.96 -18.47
C THR D 342 -13.26 14.06 -17.40
N MET D 343 -13.03 14.36 -16.13
CA MET D 343 -13.63 13.59 -15.05
C MET D 343 -15.11 13.87 -14.90
N LEU D 344 -15.57 15.03 -15.36
CA LEU D 344 -16.92 15.47 -15.13
C LEU D 344 -17.86 14.94 -16.22
N SER D 345 -19.16 15.07 -15.95
CA SER D 345 -20.17 14.59 -16.86
C SER D 345 -20.64 15.71 -17.78
N GLU D 346 -21.43 15.32 -18.77
CA GLU D 346 -21.98 16.30 -19.70
C GLU D 346 -22.83 17.33 -18.96
N THR D 347 -23.73 16.86 -18.10
CA THR D 347 -24.56 17.79 -17.34
C THR D 347 -23.69 18.72 -16.50
N GLN D 348 -22.61 18.19 -15.95
CA GLN D 348 -21.67 19.04 -15.24
C GLN D 348 -21.01 20.03 -16.17
N HIS D 349 -20.62 19.59 -17.37
CA HIS D 349 -20.04 20.51 -18.34
C HIS D 349 -21.03 21.60 -18.72
N LYS D 350 -22.29 21.22 -18.98
CA LYS D 350 -23.28 22.20 -19.39
C LYS D 350 -23.52 23.23 -18.29
N LEU D 351 -23.58 22.78 -17.04
CA LEU D 351 -23.79 23.71 -15.94
C LEU D 351 -22.59 24.61 -15.74
N LEU D 352 -21.37 24.05 -15.85
CA LEU D 352 -20.18 24.86 -15.65
C LEU D 352 -20.14 26.03 -16.62
N ALA D 353 -20.58 25.80 -17.86
CA ALA D 353 -20.67 26.91 -18.80
C ALA D 353 -21.61 27.98 -18.28
N GLU D 354 -22.85 27.60 -17.92
CA GLU D 354 -23.88 28.59 -17.59
C GLU D 354 -23.52 29.40 -16.35
N ALA D 355 -22.97 28.74 -15.32
CA ALA D 355 -22.49 29.48 -14.16
C ALA D 355 -21.33 30.39 -14.51
N LEU D 356 -20.49 29.96 -15.46
CA LEU D 356 -19.44 30.82 -15.97
C LEU D 356 -20.04 32.07 -16.60
N GLU D 357 -20.98 31.90 -17.53
CA GLU D 357 -21.58 33.05 -18.21
C GLU D 357 -22.41 33.88 -17.25
N SER D 358 -22.99 33.25 -16.24
CA SER D 358 -23.80 33.94 -15.25
C SER D 358 -23.00 34.46 -14.08
N GLN D 359 -21.68 34.23 -14.07
CA GLN D 359 -20.82 34.62 -12.97
C GLN D 359 -21.19 33.89 -11.68
N THR D 360 -21.70 32.68 -11.82
CA THR D 360 -22.18 31.90 -10.69
C THR D 360 -21.22 30.75 -10.38
N LEU D 361 -19.95 30.92 -10.70
CA LEU D 361 -18.97 29.89 -10.35
C LEU D 361 -18.51 29.96 -8.90
N LEU D 362 -18.89 31.01 -8.18
CA LEU D 362 -18.30 31.31 -6.89
C LEU D 362 -19.01 30.56 -5.77
N GLY D 363 -20.33 30.56 -5.78
CA GLY D 363 -21.08 29.83 -4.77
C GLY D 363 -20.81 28.35 -4.83
N PRO D 364 -20.92 27.77 -6.02
CA PRO D 364 -20.61 26.35 -6.15
C PRO D 364 -19.20 26.01 -5.72
N LEU D 365 -18.23 26.89 -6.01
CA LEU D 365 -16.88 26.61 -5.60
C LEU D 365 -16.79 26.54 -4.09
N GLU D 366 -17.45 27.47 -3.41
CA GLU D 366 -17.44 27.43 -1.96
C GLU D 366 -18.17 26.20 -1.44
N LEU D 367 -19.31 25.88 -2.05
CA LEU D 367 -20.09 24.75 -1.58
C LEU D 367 -19.33 23.43 -1.73
N VAL D 368 -18.70 23.22 -2.89
CA VAL D 368 -17.90 22.02 -3.07
C VAL D 368 -16.72 22.01 -2.12
N GLY D 369 -16.11 23.17 -1.91
CA GLY D 369 -14.93 23.21 -1.07
C GLY D 369 -15.21 22.77 0.35
N SER D 370 -16.30 23.24 0.92
CA SER D 370 -16.58 22.89 2.30
C SER D 370 -16.79 21.39 2.45
N LEU D 371 -17.50 20.78 1.51
CA LEU D 371 -17.81 19.36 1.63
C LEU D 371 -16.57 18.52 1.46
N LEU D 372 -15.67 18.92 0.57
CA LEU D 372 -14.39 18.25 0.50
C LEU D 372 -13.60 18.46 1.79
N GLU D 373 -13.70 19.65 2.37
CA GLU D 373 -13.09 19.90 3.66
C GLU D 373 -13.68 19.00 4.73
N GLN D 374 -15.00 18.81 4.68
CA GLN D 374 -15.68 18.06 5.73
C GLN D 374 -15.40 16.57 5.63
N SER D 375 -15.41 16.02 4.42
CA SER D 375 -15.44 14.58 4.23
C SER D 375 -14.06 13.94 4.20
N ALA D 376 -13.00 14.73 4.22
CA ALA D 376 -11.66 14.15 4.28
C ALA D 376 -11.45 13.41 5.59
N PRO D 377 -10.89 12.19 5.57
CA PRO D 377 -10.39 11.41 4.42
C PRO D 377 -11.50 10.85 3.54
N TRP D 378 -11.28 10.80 2.23
CA TRP D 378 -12.34 10.55 1.26
C TRP D 378 -12.53 9.08 0.93
N GLN D 379 -11.71 8.19 1.48
CA GLN D 379 -11.99 6.76 1.44
C GLN D 379 -12.91 6.34 2.58
N GLU D 380 -13.06 7.19 3.58
CA GLU D 380 -13.97 6.95 4.67
C GLU D 380 -15.37 7.42 4.28
N ARG D 381 -16.37 6.86 4.94
CA ARG D 381 -17.74 7.30 4.81
C ARG D 381 -18.08 8.22 5.97
N SER D 382 -18.81 9.29 5.69
CA SER D 382 -19.21 10.22 6.73
C SER D 382 -20.45 11.00 6.30
N THR D 383 -21.08 11.66 7.26
CA THR D 383 -22.24 12.52 7.01
C THR D 383 -21.80 13.97 7.06
N MET D 384 -21.94 14.67 5.95
CA MET D 384 -21.60 16.09 5.86
C MET D 384 -22.81 16.94 6.20
N SER D 385 -22.57 18.22 6.43
CA SER D 385 -23.63 19.16 6.78
C SER D 385 -23.57 20.35 5.85
N LEU D 386 -24.68 20.65 5.20
CA LEU D 386 -24.77 21.81 4.31
C LEU D 386 -24.96 23.08 5.13
N PRO D 387 -24.05 24.05 5.04
CA PRO D 387 -24.30 25.34 5.67
C PRO D 387 -25.34 26.10 4.89
N PRO D 388 -26.53 26.33 5.47
CA PRO D 388 -27.55 27.10 4.75
C PRO D 388 -27.07 28.51 4.37
N GLY D 389 -26.04 29.02 5.04
CA GLY D 389 -25.49 30.31 4.70
C GLY D 389 -24.83 30.31 3.34
N LEU D 390 -24.85 29.16 2.66
CA LEU D 390 -24.37 29.05 1.29
C LEU D 390 -25.47 28.55 0.35
N LEU D 391 -26.72 28.77 0.73
CA LEU D 391 -27.86 28.28 -0.04
C LEU D 391 -28.87 29.40 -0.27
N SER D 394 -29.83 30.07 -3.14
CA SER D 394 -28.94 29.15 -3.85
C SER D 394 -29.23 27.69 -3.50
N TRP D 395 -30.42 27.21 -3.84
CA TRP D 395 -30.78 25.83 -3.59
C TRP D 395 -32.11 25.51 -4.28
N GLY D 396 -32.44 24.22 -4.26
CA GLY D 396 -33.59 23.69 -4.99
C GLY D 396 -33.16 22.48 -5.78
N GLU D 397 -34.11 21.58 -6.04
CA GLU D 397 -33.80 20.36 -6.77
C GLU D 397 -33.21 20.68 -8.14
N GLY D 398 -33.69 21.73 -8.78
CA GLY D 398 -33.14 22.17 -10.04
C GLY D 398 -32.03 23.19 -9.93
N ALA D 399 -31.62 23.52 -8.72
CA ALA D 399 -30.57 24.51 -8.57
C ALA D 399 -29.29 24.02 -9.23
N PRO D 400 -28.52 24.90 -9.86
CA PRO D 400 -27.29 24.44 -10.55
C PRO D 400 -26.33 23.72 -9.62
N ALA D 401 -26.15 24.20 -8.38
CA ALA D 401 -25.27 23.54 -7.43
C ALA D 401 -25.83 22.21 -6.98
N TRP D 402 -27.16 22.10 -6.87
CA TRP D 402 -27.77 20.82 -6.55
C TRP D 402 -27.40 19.77 -7.59
N VAL D 403 -27.47 20.14 -8.87
CA VAL D 403 -27.27 19.16 -9.93
C VAL D 403 -25.82 18.71 -10.01
N LEU D 404 -24.89 19.61 -9.71
CA LEU D 404 -23.48 19.22 -9.73
C LEU D 404 -23.21 18.09 -8.74
N LEU D 405 -23.90 18.08 -7.60
CA LEU D 405 -23.68 17.03 -6.61
C LEU D 405 -24.29 15.71 -7.04
N ASP D 406 -25.49 15.75 -7.63
CA ASP D 406 -26.10 14.51 -8.09
C ASP D 406 -25.23 13.83 -9.15
N GLU D 407 -24.67 14.63 -10.06
CA GLU D 407 -23.80 14.08 -11.09
C GLU D 407 -22.53 13.49 -10.50
N CYS D 408 -22.15 13.90 -9.29
CA CYS D 408 -21.01 13.28 -8.62
C CYS D 408 -21.37 11.93 -8.01
N GLY D 409 -22.63 11.72 -7.70
CA GLY D 409 -23.08 10.45 -7.15
C GLY D 409 -23.73 10.58 -5.80
N LEU D 410 -23.94 11.82 -5.35
CA LEU D 410 -24.59 12.07 -4.08
C LEU D 410 -26.08 12.28 -4.29
N GLU D 411 -26.88 11.73 -3.37
CA GLU D 411 -28.33 11.89 -3.35
C GLU D 411 -28.75 12.92 -2.31
N LEU D 412 -29.54 13.89 -2.74
CA LEU D 412 -29.89 15.02 -1.90
C LEU D 412 -31.38 15.01 -1.59
N GLY D 413 -31.73 15.42 -0.37
CA GLY D 413 -33.11 15.54 0.05
C GLY D 413 -33.42 16.95 0.51
N GLU D 414 -34.68 17.34 0.39
CA GLU D 414 -35.06 18.71 0.69
C GLU D 414 -35.25 18.95 2.18
N ASP D 415 -35.39 17.89 2.97
CA ASP D 415 -35.80 18.03 4.36
C ASP D 415 -34.64 17.97 5.35
N THR D 416 -33.39 18.09 4.88
CA THR D 416 -32.26 17.98 5.79
C THR D 416 -31.03 18.62 5.14
N PRO D 417 -30.16 19.24 5.93
CA PRO D 417 -28.87 19.70 5.40
C PRO D 417 -27.76 18.66 5.46
N HIS D 418 -28.07 17.42 5.77
CA HIS D 418 -27.04 16.38 5.88
C HIS D 418 -26.85 15.71 4.52
N VAL D 419 -25.59 15.44 4.18
CA VAL D 419 -25.23 14.71 2.97
C VAL D 419 -24.20 13.65 3.33
N CYS D 420 -24.49 12.40 3.00
CA CYS D 420 -23.53 11.33 3.22
C CYS D 420 -22.43 11.38 2.17
N TRP D 421 -21.17 11.28 2.59
CA TRP D 421 -20.06 11.21 1.66
C TRP D 421 -19.94 9.79 1.08
N GLU D 422 -19.83 9.71 -0.25
CA GLU D 422 -19.64 8.45 -0.96
C GLU D 422 -18.22 8.39 -1.50
N PRO D 423 -17.37 7.49 -0.99
CA PRO D 423 -15.96 7.53 -1.42
C PRO D 423 -15.78 7.40 -2.91
N GLN D 424 -16.70 6.75 -3.60
CA GLN D 424 -16.57 6.60 -5.04
C GLN D 424 -16.73 7.90 -5.79
N ALA D 425 -17.23 8.94 -5.13
CA ALA D 425 -17.40 10.26 -5.73
C ALA D 425 -16.16 11.13 -5.58
N GLN D 426 -15.05 10.56 -5.11
CA GLN D 426 -13.88 11.38 -4.82
C GLN D 426 -13.34 12.07 -6.07
N GLY D 427 -13.09 11.31 -7.13
CA GLY D 427 -12.38 11.88 -8.27
C GLY D 427 -13.16 12.99 -8.93
N ARG D 428 -14.45 12.76 -9.19
CA ARG D 428 -15.25 13.77 -9.89
C ARG D 428 -15.44 15.00 -9.02
N MET D 429 -15.63 14.83 -7.73
CA MET D 429 -15.73 15.98 -6.83
C MET D 429 -14.47 16.79 -6.83
N CYS D 430 -13.32 16.12 -6.72
CA CYS D 430 -12.05 16.83 -6.72
C CYS D 430 -11.84 17.53 -8.05
N ALA D 431 -12.13 16.85 -9.16
CA ALA D 431 -12.01 17.49 -10.47
C ALA D 431 -13.01 18.62 -10.61
N LEU D 432 -14.19 18.46 -10.01
CA LEU D 432 -15.17 19.54 -10.02
C LEU D 432 -14.61 20.77 -9.32
N TYR D 433 -14.08 20.59 -8.12
CA TYR D 433 -13.48 21.72 -7.42
C TYR D 433 -12.32 22.30 -8.23
N ALA D 434 -11.49 21.43 -8.79
CA ALA D 434 -10.37 21.89 -9.59
C ALA D 434 -10.86 22.73 -10.76
N SER D 435 -11.89 22.25 -11.46
CA SER D 435 -12.46 23.01 -12.56
C SER D 435 -13.06 24.33 -12.07
N LEU D 436 -13.89 24.25 -11.03
CA LEU D 436 -14.49 25.47 -10.51
C LEU D 436 -13.41 26.45 -10.07
N ALA D 437 -12.45 25.97 -9.31
CA ALA D 437 -11.41 26.85 -8.80
C ALA D 437 -10.61 27.46 -9.94
N LEU D 438 -10.14 26.61 -10.85
CA LEU D 438 -9.34 27.14 -11.95
C LEU D 438 -10.16 28.08 -12.82
N LEU D 439 -11.40 27.70 -13.10
CA LEU D 439 -12.25 28.59 -13.88
C LEU D 439 -12.51 29.88 -13.13
N SER D 440 -12.56 29.82 -11.80
CA SER D 440 -12.64 31.05 -11.01
C SER D 440 -11.33 31.82 -11.07
N GLY D 441 -10.21 31.11 -11.15
CA GLY D 441 -8.93 31.79 -11.20
C GLY D 441 -8.79 32.67 -12.43
N LEU D 442 -9.34 32.21 -13.57
CA LEU D 442 -9.34 33.02 -14.76
C LEU D 442 -10.24 34.24 -14.64
N SER D 443 -11.21 34.21 -13.72
CA SER D 443 -12.01 35.38 -13.39
C SER D 443 -12.70 35.96 -14.62
N VAL E 2 -1.43 -15.40 9.90
CA VAL E 2 -0.97 -15.00 11.23
C VAL E 2 0.26 -15.81 11.60
N GLN E 3 0.48 -16.93 10.91
CA GLN E 3 1.61 -17.80 11.20
C GLN E 3 1.90 -18.63 9.96
N LEU E 4 2.69 -19.68 10.13
CA LEU E 4 3.02 -20.57 9.04
C LEU E 4 2.02 -21.73 9.02
N VAL E 5 1.84 -22.32 7.85
CA VAL E 5 0.90 -23.40 7.66
C VAL E 5 1.68 -24.63 7.22
N GLU E 6 1.53 -25.72 7.95
CA GLU E 6 2.22 -26.97 7.68
C GLU E 6 1.23 -28.00 7.17
N SER E 7 1.57 -28.65 6.06
CA SER E 7 0.78 -29.76 5.54
C SER E 7 1.71 -30.82 4.99
N GLY E 8 1.14 -31.95 4.59
CA GLY E 8 1.87 -33.02 3.96
C GLY E 8 1.99 -34.28 4.78
N GLY E 9 1.69 -34.23 6.07
CA GLY E 9 1.82 -35.42 6.89
C GLY E 9 0.77 -36.46 6.55
N GLY E 10 1.05 -37.69 6.97
CA GLY E 10 0.15 -38.78 6.68
C GLY E 10 0.68 -40.10 7.20
N LEU E 11 0.10 -41.17 6.67
CA LEU E 11 0.43 -42.54 7.07
C LEU E 11 0.92 -43.29 5.84
N VAL E 12 2.16 -43.78 5.90
CA VAL E 12 2.78 -44.53 4.81
C VAL E 12 3.46 -45.77 5.37
N GLN E 13 3.63 -46.76 4.49
CA GLN E 13 4.35 -47.97 4.82
C GLN E 13 5.85 -47.74 4.69
N PRO E 14 6.66 -48.55 5.38
CA PRO E 14 8.11 -48.35 5.32
C PRO E 14 8.61 -48.36 3.89
N GLY E 15 9.58 -47.48 3.62
CA GLY E 15 10.12 -47.30 2.29
C GLY E 15 9.34 -46.36 1.41
N GLY E 16 8.29 -45.73 1.94
CA GLY E 16 7.52 -44.78 1.15
C GLY E 16 8.25 -43.49 0.91
N SER E 17 7.52 -42.45 0.51
CA SER E 17 8.08 -41.13 0.26
C SER E 17 7.09 -40.07 0.73
N LEU E 18 7.60 -39.00 1.31
CA LEU E 18 6.75 -37.90 1.72
C LEU E 18 7.56 -36.60 1.74
N ARG E 19 6.86 -35.51 1.45
CA ARG E 19 7.45 -34.18 1.38
C ARG E 19 6.46 -33.21 2.01
N LEU E 20 6.82 -32.67 3.17
CA LEU E 20 5.95 -31.72 3.85
C LEU E 20 6.06 -30.34 3.22
N SER E 21 5.08 -29.50 3.51
CA SER E 21 5.04 -28.12 3.04
C SER E 21 5.01 -27.17 4.22
N CYS E 22 5.78 -26.10 4.13
CA CYS E 22 5.75 -25.02 5.09
C CYS E 22 5.49 -23.74 4.32
N VAL E 23 4.28 -23.19 4.43
CA VAL E 23 3.84 -22.10 3.57
C VAL E 23 3.70 -20.85 4.40
N ASP E 24 4.21 -19.74 3.88
CA ASP E 24 4.20 -18.45 4.55
C ASP E 24 3.31 -17.51 3.79
N SER E 25 2.37 -16.88 4.48
CA SER E 25 1.52 -15.87 3.89
C SER E 25 2.28 -14.61 3.50
N ARG E 26 3.54 -14.47 3.94
CA ARG E 26 4.33 -13.29 3.68
C ARG E 26 5.67 -13.70 3.08
N SER E 27 6.43 -12.70 2.64
CA SER E 27 7.69 -12.91 1.92
C SER E 27 8.86 -13.25 2.83
N TRP E 28 8.61 -13.49 4.11
CA TRP E 28 9.73 -13.76 5.01
C TRP E 28 10.33 -15.12 4.75
N ILE E 29 9.56 -16.05 4.19
CA ILE E 29 10.09 -17.37 3.91
C ILE E 29 11.16 -17.33 2.83
N ASN E 30 11.21 -16.27 2.04
CA ASN E 30 12.17 -16.19 0.95
C ASN E 30 13.42 -15.43 1.33
N VAL E 31 13.30 -14.43 2.21
CA VAL E 31 14.47 -13.67 2.62
C VAL E 31 15.14 -14.26 3.85
N TYR E 32 14.50 -15.17 4.55
CA TYR E 32 15.03 -15.72 5.79
C TYR E 32 15.23 -17.22 5.63
N GLY E 33 15.78 -17.82 6.67
CA GLY E 33 15.99 -19.26 6.67
C GLY E 33 14.86 -20.00 7.33
N ALA E 34 14.73 -21.28 6.99
CA ALA E 34 13.65 -22.13 7.49
C ALA E 34 14.22 -23.39 8.11
N ASN E 35 13.63 -23.83 9.20
CA ASN E 35 14.07 -25.02 9.89
C ASN E 35 12.87 -25.90 10.17
N TRP E 36 13.11 -27.20 10.13
CA TRP E 36 12.11 -28.20 10.47
C TRP E 36 12.49 -28.82 11.81
N TYR E 37 11.51 -28.96 12.70
CA TYR E 37 11.69 -29.61 13.98
C TYR E 37 10.76 -30.81 14.06
N ARG E 38 10.88 -31.58 15.15
CA ARG E 38 9.96 -32.67 15.42
C ARG E 38 9.90 -32.89 16.92
N GLN E 39 8.72 -33.22 17.41
CA GLN E 39 8.52 -33.56 18.82
C GLN E 39 7.74 -34.85 18.94
N ALA E 40 8.30 -35.80 19.61
CA ALA E 40 7.52 -36.94 20.04
C ALA E 40 6.90 -36.64 21.40
N PRO E 41 5.71 -37.18 21.69
CA PRO E 41 5.06 -36.84 22.96
C PRO E 41 5.96 -37.11 24.15
N GLY E 42 6.02 -36.13 25.05
CA GLY E 42 6.74 -36.29 26.29
C GLY E 42 8.24 -36.21 26.16
N LYS E 43 8.77 -35.77 25.02
CA LYS E 43 10.20 -35.67 24.81
C LYS E 43 10.54 -34.31 24.21
N GLU E 44 11.84 -34.04 24.14
CA GLU E 44 12.31 -32.71 23.80
C GLU E 44 12.24 -32.45 22.29
N ARG E 45 11.90 -31.22 21.94
CA ARG E 45 11.90 -30.80 20.55
C ARG E 45 13.33 -30.83 20.01
N GLU E 46 13.50 -31.36 18.80
CA GLU E 46 14.81 -31.45 18.17
C GLU E 46 14.76 -30.87 16.77
N LEU E 47 15.88 -30.28 16.36
CA LEU E 47 16.02 -29.84 14.98
C LEU E 47 16.39 -31.02 14.11
N VAL E 48 15.78 -31.09 12.94
CA VAL E 48 16.06 -32.16 11.99
C VAL E 48 16.74 -31.64 10.73
N ALA E 49 16.34 -30.47 10.24
CA ALA E 49 16.88 -29.94 9.00
C ALA E 49 16.77 -28.43 9.04
N ALA E 50 17.76 -27.76 8.43
CA ALA E 50 17.83 -26.31 8.39
C ALA E 50 18.16 -25.85 6.98
N LEU E 51 17.53 -24.76 6.56
CA LEU E 51 17.73 -24.18 5.24
C LEU E 51 17.85 -22.68 5.41
N THR E 52 18.98 -22.12 4.97
CA THR E 52 19.16 -20.68 5.02
C THR E 52 18.51 -20.05 3.78
N SER E 53 18.51 -18.72 3.74
CA SER E 53 17.86 -18.03 2.63
C SER E 53 18.60 -18.27 1.32
N GLY E 54 19.92 -18.41 1.37
CA GLY E 54 20.70 -18.67 0.17
C GLY E 54 20.70 -20.11 -0.29
N GLY E 55 20.12 -21.01 0.50
CA GLY E 55 19.96 -22.39 0.10
C GLY E 55 20.85 -23.38 0.79
N THR E 56 21.57 -22.99 1.83
CA THR E 56 22.48 -23.90 2.51
C THR E 56 21.70 -24.85 3.41
N THR E 57 21.89 -26.15 3.23
CA THR E 57 21.13 -27.15 3.96
C THR E 57 21.98 -27.77 5.05
N ASN E 58 21.36 -28.03 6.20
CA ASN E 58 21.96 -28.82 7.26
C ASN E 58 20.90 -29.78 7.77
N TYR E 59 21.33 -30.95 8.21
CA TYR E 59 20.42 -32.00 8.63
C TYR E 59 20.89 -32.62 9.94
N ALA E 60 19.99 -33.37 10.57
CA ALA E 60 20.32 -34.14 11.76
C ALA E 60 20.87 -35.50 11.35
N ASP E 61 21.87 -35.98 12.08
CA ASP E 61 22.53 -37.21 11.69
C ASP E 61 21.54 -38.36 11.59
N SER E 62 20.53 -38.37 12.46
CA SER E 62 19.53 -39.41 12.39
C SER E 62 18.78 -39.38 11.07
N VAL E 63 18.85 -38.25 10.35
CA VAL E 63 18.17 -38.10 9.08
C VAL E 63 19.11 -37.68 7.97
N LYS E 64 20.39 -37.48 8.27
CA LYS E 64 21.35 -37.05 7.25
C LYS E 64 21.38 -38.06 6.12
N GLY E 65 21.31 -37.57 4.89
CA GLY E 65 21.21 -38.42 3.73
C GLY E 65 19.86 -39.04 3.52
N ARG E 66 18.91 -38.81 4.44
CA ARG E 66 17.56 -39.31 4.30
C ARG E 66 16.51 -38.21 4.17
N PHE E 67 16.80 -37.01 4.65
CA PHE E 67 15.87 -35.89 4.53
C PHE E 67 16.47 -34.84 3.61
N THR E 68 15.60 -34.11 2.93
CA THR E 68 16.01 -32.99 2.11
C THR E 68 15.13 -31.79 2.42
N ILE E 69 15.73 -30.68 2.80
CA ILE E 69 15.02 -29.44 3.00
C ILE E 69 15.27 -28.56 1.78
N SER E 70 14.19 -28.11 1.13
CA SER E 70 14.29 -27.30 -0.07
C SER E 70 13.28 -26.18 0.02
N ARG E 71 13.38 -25.22 -0.88
CA ARG E 71 12.44 -24.12 -0.94
C ARG E 71 12.00 -23.89 -2.37
N ASP E 72 10.73 -23.52 -2.53
CA ASP E 72 10.19 -23.03 -3.79
C ASP E 72 9.83 -21.57 -3.57
N ASN E 73 10.63 -20.66 -4.12
CA ASN E 73 10.42 -19.24 -3.88
C ASN E 73 9.08 -18.78 -4.42
N ALA E 74 8.70 -19.26 -5.60
CA ALA E 74 7.44 -18.80 -6.18
C ALA E 74 6.24 -19.32 -5.41
N LYS E 75 6.35 -20.49 -4.78
CA LYS E 75 5.26 -21.02 -3.97
C LYS E 75 5.26 -20.51 -2.54
N ASN E 76 6.29 -19.77 -2.13
CA ASN E 76 6.46 -19.38 -0.73
C ASN E 76 6.36 -20.58 0.19
N THR E 77 6.95 -21.70 -0.24
CA THR E 77 6.87 -22.97 0.49
C THR E 77 8.25 -23.58 0.63
N VAL E 78 8.54 -24.09 1.81
CA VAL E 78 9.77 -24.82 2.11
C VAL E 78 9.36 -26.27 2.37
N TYR E 79 10.03 -27.19 1.69
CA TYR E 79 9.69 -28.60 1.76
C TYR E 79 10.66 -29.36 2.64
N LEU E 80 10.19 -30.47 3.19
CA LEU E 80 11.03 -31.46 3.84
C LEU E 80 10.75 -32.80 3.18
N GLN E 81 11.52 -33.13 2.14
CA GLN E 81 11.43 -34.45 1.53
C GLN E 81 12.09 -35.47 2.45
N MET E 82 11.37 -36.54 2.74
CA MET E 82 11.77 -37.50 3.76
C MET E 82 11.92 -38.87 3.11
N ARG E 83 12.97 -39.58 3.51
CA ARG E 83 13.38 -40.81 2.83
C ARG E 83 13.83 -41.85 3.83
N ASP E 84 14.02 -43.07 3.32
CA ASP E 84 14.42 -44.22 4.14
C ASP E 84 13.61 -44.24 5.43
N LEU E 85 12.31 -44.06 5.27
CA LEU E 85 11.43 -43.88 6.41
C LEU E 85 11.54 -45.06 7.36
N LYS E 86 11.80 -44.75 8.62
CA LYS E 86 12.00 -45.73 9.69
C LYS E 86 11.23 -45.25 10.91
N PRO E 87 10.86 -46.16 11.81
CA PRO E 87 10.29 -45.72 13.09
C PRO E 87 11.22 -44.75 13.81
N GLU E 88 10.82 -44.25 14.97
CA GLU E 88 11.52 -43.20 15.71
C GLU E 88 11.43 -41.87 14.99
N ASP E 89 10.78 -41.84 13.83
CA ASP E 89 10.47 -40.60 13.12
C ASP E 89 9.03 -40.14 13.32
N THR E 90 8.21 -40.94 13.99
CA THR E 90 6.92 -40.43 14.45
C THR E 90 7.16 -39.37 15.50
N ALA E 91 6.58 -38.19 15.27
CA ALA E 91 6.77 -37.01 16.11
C ALA E 91 5.89 -35.94 15.48
N VAL E 92 5.72 -34.84 16.19
CA VAL E 92 4.98 -33.71 15.67
C VAL E 92 6.01 -32.79 15.02
N TYR E 93 5.91 -32.64 13.70
CA TYR E 93 6.89 -31.87 12.94
C TYR E 93 6.39 -30.44 12.73
N TYR E 94 7.25 -29.48 13.07
CA TYR E 94 6.95 -28.07 12.90
C TYR E 94 8.06 -27.42 12.08
N CYS E 95 7.69 -26.39 11.33
CA CYS E 95 8.63 -25.54 10.64
C CYS E 95 8.64 -24.16 11.28
N ASN E 96 9.74 -23.44 11.10
CA ASN E 96 9.81 -22.07 11.59
C ASN E 96 10.65 -21.26 10.62
N LEU E 97 10.67 -19.95 10.85
CA LEU E 97 11.47 -19.03 10.05
C LEU E 97 12.44 -18.32 11.00
N GLU E 98 13.69 -18.18 10.57
CA GLU E 98 14.74 -17.59 11.39
C GLU E 98 15.37 -16.44 10.62
N ARG E 99 15.36 -15.26 11.21
CA ARG E 99 15.94 -14.10 10.56
C ARG E 99 17.46 -14.23 10.49
N TYR E 100 18.07 -13.42 9.62
CA TYR E 100 19.52 -13.41 9.51
C TYR E 100 20.17 -13.12 10.86
N THR E 101 19.48 -12.37 11.73
CA THR E 101 20.00 -12.07 13.05
C THR E 101 19.80 -13.23 14.02
N GLY E 102 19.07 -14.25 13.62
CA GLY E 102 18.85 -15.40 14.46
C GLY E 102 17.56 -15.41 15.23
N SER E 103 16.70 -14.40 15.05
CA SER E 103 15.42 -14.33 15.72
C SER E 103 14.35 -15.07 14.92
N SER E 104 13.31 -15.49 15.63
CA SER E 104 12.19 -16.24 15.04
C SER E 104 11.11 -15.27 14.58
N VAL E 105 10.45 -15.63 13.49
CA VAL E 105 9.46 -14.75 12.88
C VAL E 105 8.07 -14.99 13.45
N TYR E 106 7.63 -16.24 13.52
CA TYR E 106 6.26 -16.61 13.87
C TYR E 106 6.21 -17.50 15.09
N PRO E 107 5.10 -17.55 15.79
CA PRO E 107 4.86 -18.62 16.76
C PRO E 107 4.56 -19.93 16.04
N TRP E 108 4.58 -21.00 16.80
CA TRP E 108 4.34 -22.31 16.21
C TRP E 108 2.94 -22.42 15.63
N GLY E 109 2.83 -23.12 14.50
CA GLY E 109 1.55 -23.55 13.99
C GLY E 109 1.08 -24.82 14.68
N GLN E 110 0.04 -25.43 14.11
CA GLN E 110 -0.49 -26.67 14.67
C GLN E 110 0.36 -27.89 14.33
N GLY E 111 1.21 -27.78 13.31
CA GLY E 111 2.01 -28.91 12.88
C GLY E 111 1.24 -29.81 11.94
N THR E 112 1.96 -30.82 11.45
CA THR E 112 1.39 -31.83 10.56
C THR E 112 1.70 -33.20 11.13
N GLN E 113 0.72 -34.10 11.04
CA GLN E 113 0.82 -35.39 11.72
C GLN E 113 1.62 -36.39 10.89
N VAL E 114 2.66 -36.95 11.50
CA VAL E 114 3.49 -37.97 10.88
C VAL E 114 3.48 -39.20 11.78
N THR E 115 3.05 -40.33 11.23
CA THR E 115 2.89 -41.55 11.99
C THR E 115 3.52 -42.70 11.20
N VAL E 116 4.35 -43.49 11.88
CA VAL E 116 5.09 -44.58 11.24
C VAL E 116 4.95 -45.86 12.08
N SER E 117 4.51 -46.93 11.44
CA SER E 117 4.51 -48.27 12.02
C SER E 117 4.23 -49.31 10.96
N GLN F 1 -4.31 -4.64 1.29
CA GLN F 1 -5.25 -3.54 1.65
C GLN F 1 -6.39 -4.08 2.52
N VAL F 2 -6.96 -3.21 3.35
CA VAL F 2 -8.12 -3.58 4.14
C VAL F 2 -9.34 -3.71 3.21
N GLN F 3 -10.05 -4.82 3.35
CA GLN F 3 -11.23 -5.07 2.54
C GLN F 3 -12.35 -5.61 3.41
N LEU F 4 -13.48 -4.91 3.43
CA LEU F 4 -14.70 -5.33 4.11
C LEU F 4 -15.78 -5.54 3.07
N VAL F 5 -16.37 -6.73 3.05
CA VAL F 5 -17.31 -7.12 2.01
C VAL F 5 -18.62 -7.55 2.68
N GLU F 6 -19.68 -6.79 2.45
CA GLU F 6 -20.99 -7.12 2.98
C GLU F 6 -21.80 -7.92 1.97
N THR F 7 -22.56 -8.90 2.48
CA THR F 7 -23.49 -9.65 1.67
C THR F 7 -24.73 -9.94 2.50
N GLY F 8 -25.83 -10.23 1.83
CA GLY F 8 -27.05 -10.64 2.50
C GLY F 8 -28.20 -9.66 2.39
N GLY F 9 -27.98 -8.46 1.85
CA GLY F 9 -29.09 -7.55 1.66
C GLY F 9 -30.03 -7.99 0.56
N GLY F 10 -31.24 -7.44 0.59
CA GLY F 10 -32.21 -7.79 -0.43
C GLY F 10 -33.60 -7.33 -0.02
N LEU F 11 -34.60 -7.90 -0.70
CA LEU F 11 -36.00 -7.57 -0.46
C LEU F 11 -36.62 -8.61 0.47
N VAL F 12 -37.34 -8.12 1.48
CA VAL F 12 -38.08 -8.96 2.41
C VAL F 12 -39.44 -8.31 2.66
N GLN F 13 -40.41 -9.13 2.99
CA GLN F 13 -41.71 -8.61 3.39
C GLN F 13 -41.59 -7.90 4.74
N PRO F 14 -42.47 -6.95 5.02
CA PRO F 14 -42.49 -6.36 6.36
C PRO F 14 -42.69 -7.42 7.42
N GLY F 15 -41.98 -7.26 8.55
CA GLY F 15 -41.95 -8.28 9.56
C GLY F 15 -41.03 -9.44 9.28
N GLY F 16 -40.33 -9.42 8.16
CA GLY F 16 -39.38 -10.46 7.82
C GLY F 16 -38.04 -10.26 8.47
N SER F 17 -37.11 -11.14 8.10
CA SER F 17 -35.79 -11.19 8.70
C SER F 17 -34.72 -11.26 7.62
N LEU F 18 -33.53 -10.77 7.98
CA LEU F 18 -32.36 -10.85 7.11
C LEU F 18 -31.13 -11.05 7.98
N ARG F 19 -30.10 -11.69 7.39
CA ARG F 19 -28.80 -11.86 8.05
C ARG F 19 -27.71 -11.34 7.14
N LEU F 20 -26.98 -10.35 7.62
CA LEU F 20 -25.87 -9.77 6.87
C LEU F 20 -24.55 -10.34 7.36
N SER F 21 -23.66 -10.60 6.42
CA SER F 21 -22.30 -11.05 6.70
C SER F 21 -21.30 -10.00 6.23
N CYS F 22 -20.16 -9.92 6.91
CA CYS F 22 -19.10 -9.00 6.55
C CYS F 22 -17.78 -9.73 6.75
N THR F 23 -17.15 -10.14 5.67
CA THR F 23 -15.85 -10.79 5.74
C THR F 23 -14.73 -9.76 5.66
N ALA F 24 -13.71 -9.93 6.50
CA ALA F 24 -12.65 -8.95 6.68
C ALA F 24 -11.32 -9.51 6.23
N SER F 25 -10.56 -8.70 5.51
CA SER F 25 -9.19 -9.05 5.13
C SER F 25 -8.35 -7.79 5.19
N GLY F 26 -7.04 -7.98 5.37
CA GLY F 26 -6.10 -6.90 5.41
C GLY F 26 -5.71 -6.43 6.79
N PHE F 27 -6.21 -7.08 7.84
CA PHE F 27 -5.88 -6.68 9.20
C PHE F 27 -6.19 -7.84 10.13
N ILE F 28 -5.70 -7.72 11.36
CA ILE F 28 -5.90 -8.74 12.39
C ILE F 28 -7.32 -8.57 12.91
N PHE F 29 -8.23 -9.42 12.42
CA PHE F 29 -9.64 -9.23 12.71
C PHE F 29 -9.94 -9.29 14.20
N SER F 30 -9.35 -10.25 14.89
CA SER F 30 -9.62 -10.44 16.31
C SER F 30 -9.08 -9.33 17.18
N ALA F 31 -8.46 -8.33 16.59
CA ALA F 31 -7.88 -7.25 17.37
C ALA F 31 -8.59 -5.94 17.13
N ASN F 32 -9.74 -5.96 16.49
CA ASN F 32 -10.37 -4.74 16.04
C ASN F 32 -11.85 -4.71 16.42
N GLN F 33 -12.29 -3.57 16.93
CA GLN F 33 -13.70 -3.33 17.18
C GLN F 33 -14.44 -3.13 15.87
N MET F 34 -15.60 -3.77 15.76
CA MET F 34 -16.37 -3.82 14.53
C MET F 34 -17.77 -3.28 14.75
N ASN F 35 -18.37 -2.82 13.67
CA ASN F 35 -19.65 -2.12 13.74
C ASN F 35 -20.48 -2.43 12.50
N TRP F 36 -21.78 -2.21 12.62
CA TRP F 36 -22.68 -2.16 11.48
C TRP F 36 -23.31 -0.78 11.43
N VAL F 37 -23.34 -0.18 10.25
CA VAL F 37 -23.91 1.15 10.03
C VAL F 37 -24.72 1.10 8.75
N ARG F 38 -25.86 1.78 8.74
CA ARG F 38 -26.72 1.81 7.56
C ARG F 38 -26.90 3.22 7.06
N GLN F 39 -27.12 3.33 5.75
CA GLN F 39 -27.42 4.60 5.09
C GLN F 39 -28.81 4.51 4.45
N ALA F 40 -29.79 5.10 5.12
CA ALA F 40 -31.15 5.10 4.61
C ALA F 40 -31.31 6.12 3.50
N PRO F 41 -32.25 5.89 2.58
CA PRO F 41 -32.46 6.86 1.50
C PRO F 41 -32.73 8.25 2.03
N GLY F 42 -31.91 9.21 1.62
CA GLY F 42 -32.11 10.59 2.02
C GLY F 42 -31.77 10.89 3.46
N LYS F 43 -31.23 9.92 4.19
CA LYS F 43 -30.93 10.10 5.59
C LYS F 43 -29.43 9.97 5.80
N GLY F 44 -28.94 10.63 6.84
CA GLY F 44 -27.55 10.53 7.23
C GLY F 44 -27.14 9.13 7.64
N LEU F 45 -25.91 8.97 8.09
CA LEU F 45 -25.45 7.68 8.56
C LEU F 45 -26.05 7.39 9.92
N GLU F 46 -26.58 6.19 10.09
CA GLU F 46 -27.13 5.73 11.36
C GLU F 46 -26.31 4.55 11.83
N TRP F 47 -25.52 4.76 12.88
CA TRP F 47 -24.77 3.69 13.51
C TRP F 47 -25.75 2.75 14.22
N LEU F 48 -25.59 1.46 14.00
CA LEU F 48 -26.54 0.46 14.50
C LEU F 48 -26.00 -0.36 15.64
N SER F 49 -24.81 -0.95 15.50
CA SER F 49 -24.35 -1.91 16.49
C SER F 49 -22.84 -1.97 16.49
N GLY F 50 -22.30 -2.37 17.64
CA GLY F 50 -20.86 -2.52 17.79
C GLY F 50 -20.56 -3.74 18.62
N ILE F 51 -19.34 -4.25 18.47
CA ILE F 51 -18.93 -5.47 19.14
C ILE F 51 -17.46 -5.36 19.52
N SER F 52 -17.11 -5.91 20.69
CA SER F 52 -15.74 -5.90 21.14
C SER F 52 -14.90 -6.87 20.29
N THR F 53 -13.58 -6.82 20.50
CA THR F 53 -12.67 -7.62 19.69
C THR F 53 -12.98 -9.10 19.82
N ARG F 54 -13.29 -9.56 21.02
CA ARG F 54 -13.58 -10.95 21.28
C ARG F 54 -15.06 -11.27 21.22
N GLY F 55 -15.92 -10.26 21.18
CA GLY F 55 -17.35 -10.48 21.13
C GLY F 55 -18.04 -10.60 22.47
N ASP F 56 -17.28 -10.57 23.56
CA ASP F 56 -17.88 -10.74 24.87
C ASP F 56 -18.85 -9.61 25.21
N THR F 57 -18.73 -8.47 24.55
CA THR F 57 -19.62 -7.35 24.81
C THR F 57 -20.05 -6.75 23.48
N THR F 58 -21.31 -6.32 23.43
CA THR F 58 -21.91 -5.71 22.25
C THR F 58 -22.67 -4.46 22.68
N SER F 59 -23.05 -3.65 21.69
CA SER F 59 -23.87 -2.48 21.96
C SER F 59 -24.76 -2.28 20.75
N TYR F 60 -26.00 -1.85 21.00
CA TYR F 60 -26.98 -1.64 19.95
C TYR F 60 -27.67 -0.28 20.11
N ALA F 61 -28.12 0.27 18.97
CA ALA F 61 -28.98 1.45 19.03
C ALA F 61 -30.40 1.03 19.40
N ASP F 62 -31.16 2.00 19.90
CA ASP F 62 -32.53 1.71 20.31
C ASP F 62 -33.39 1.30 19.14
N SER F 63 -33.16 1.91 17.98
CA SER F 63 -34.00 1.63 16.82
C SER F 63 -33.98 0.16 16.42
N VAL F 64 -32.96 -0.58 16.82
CA VAL F 64 -32.80 -1.97 16.41
C VAL F 64 -32.63 -2.90 17.60
N LYS F 65 -32.62 -2.37 18.81
CA LYS F 65 -32.41 -3.18 19.99
C LYS F 65 -33.51 -4.21 20.10
N GLY F 66 -33.13 -5.45 20.37
CA GLY F 66 -34.06 -6.54 20.43
C GLY F 66 -34.32 -7.13 19.07
N ARG F 67 -34.28 -6.29 18.03
CA ARG F 67 -34.56 -6.77 16.69
C ARG F 67 -33.33 -7.37 16.03
N PHE F 68 -32.23 -6.63 16.03
CA PHE F 68 -31.01 -7.03 15.36
C PHE F 68 -30.03 -7.65 16.36
N THR F 69 -29.14 -8.50 15.85
CA THR F 69 -28.12 -9.14 16.66
C THR F 69 -26.79 -9.13 15.92
N ILE F 70 -25.76 -8.62 16.58
CA ILE F 70 -24.41 -8.54 16.02
C ILE F 70 -23.57 -9.65 16.60
N SER F 71 -22.81 -10.31 15.74
CA SER F 71 -21.94 -11.39 16.19
C SER F 71 -20.72 -11.47 15.28
N ARG F 72 -19.65 -12.08 15.79
CA ARG F 72 -18.44 -12.29 15.02
C ARG F 72 -17.91 -13.69 15.26
N ASP F 73 -17.28 -14.25 14.24
CA ASP F 73 -16.54 -15.49 14.33
C ASP F 73 -15.08 -15.15 14.07
N ASN F 74 -14.29 -14.99 15.14
CA ASN F 74 -12.90 -14.60 14.95
C ASN F 74 -12.09 -15.69 14.28
N ALA F 75 -12.50 -16.95 14.39
CA ALA F 75 -11.78 -18.03 13.71
C ALA F 75 -12.00 -17.97 12.20
N LYS F 76 -13.11 -17.37 11.77
CA LYS F 76 -13.41 -17.22 10.35
C LYS F 76 -13.30 -15.80 9.88
N ASN F 77 -13.00 -14.85 10.77
CA ASN F 77 -12.82 -13.45 10.40
C ASN F 77 -14.06 -12.90 9.72
N THR F 78 -15.22 -13.08 10.35
CA THR F 78 -16.47 -12.61 9.80
C THR F 78 -17.30 -11.88 10.85
N LEU F 79 -18.00 -10.84 10.40
CA LEU F 79 -18.96 -10.09 11.20
C LEU F 79 -20.35 -10.31 10.64
N TYR F 80 -21.31 -10.54 11.53
CA TYR F 80 -22.67 -10.80 11.12
C TYR F 80 -23.63 -9.80 11.75
N LEU F 81 -24.78 -9.64 11.10
CA LEU F 81 -25.89 -8.88 11.66
C LEU F 81 -27.18 -9.61 11.31
N GLN F 82 -27.78 -10.27 12.28
CA GLN F 82 -29.12 -10.82 12.10
C GLN F 82 -30.14 -9.72 12.36
N MET F 83 -31.01 -9.48 11.40
CA MET F 83 -32.01 -8.43 11.49
C MET F 83 -33.40 -9.05 11.47
N ASN F 84 -34.20 -8.74 12.49
CA ASN F 84 -35.54 -9.29 12.62
C ASN F 84 -36.57 -8.18 12.60
N SER F 85 -37.79 -8.53 12.19
CA SER F 85 -38.92 -7.61 12.19
C SER F 85 -38.56 -6.35 11.40
N LEU F 86 -38.01 -6.56 10.22
CA LEU F 86 -37.66 -5.44 9.37
C LEU F 86 -38.90 -4.74 8.86
N GLN F 87 -38.85 -3.41 8.81
CA GLN F 87 -39.90 -2.56 8.27
C GLN F 87 -39.25 -1.64 7.25
N PRO F 88 -40.05 -0.92 6.48
CA PRO F 88 -39.46 -0.02 5.47
C PRO F 88 -38.52 1.01 6.05
N ASP F 89 -38.67 1.39 7.32
CA ASP F 89 -37.68 2.28 7.92
C ASP F 89 -36.32 1.60 8.10
N ASP F 90 -36.25 0.28 7.94
CA ASP F 90 -34.99 -0.44 7.89
C ASP F 90 -34.46 -0.61 6.49
N THR F 91 -35.13 -0.04 5.49
CA THR F 91 -34.60 -0.09 4.12
C THR F 91 -33.41 0.85 4.02
N ALA F 92 -32.26 0.31 3.60
CA ALA F 92 -31.06 1.13 3.56
C ALA F 92 -29.92 0.30 3.00
N VAL F 93 -28.83 0.97 2.71
CA VAL F 93 -27.56 0.31 2.44
C VAL F 93 -26.89 0.06 3.78
N TYR F 94 -26.56 -1.20 4.05
CA TYR F 94 -25.98 -1.58 5.33
C TYR F 94 -24.48 -1.79 5.18
N PHE F 95 -23.71 -1.12 6.03
CA PHE F 95 -22.26 -1.20 6.00
C PHE F 95 -21.75 -1.82 7.29
N CYS F 96 -20.70 -2.63 7.18
CA CYS F 96 -19.87 -2.99 8.32
C CYS F 96 -18.68 -2.04 8.34
N ALA F 97 -18.29 -1.61 9.55
CA ALA F 97 -17.22 -0.65 9.72
C ALA F 97 -16.31 -1.09 10.85
N ARG F 98 -15.01 -0.89 10.65
CA ARG F 98 -13.99 -1.28 11.61
C ARG F 98 -13.59 -0.07 12.42
N VAL F 99 -13.63 -0.22 13.75
CA VAL F 99 -13.18 0.82 14.66
C VAL F 99 -13.94 2.11 14.40
N CYS F 100 -15.07 2.28 15.09
CA CYS F 100 -15.92 3.45 14.93
C CYS F 100 -15.87 4.30 16.18
N ILE F 101 -15.69 5.60 16.00
CA ILE F 101 -15.72 6.57 17.08
C ILE F 101 -16.94 7.45 16.86
N ARG F 102 -18.04 7.11 17.52
CA ARG F 102 -19.24 7.91 17.42
C ARG F 102 -19.20 8.97 18.51
N GLY F 103 -18.25 9.88 18.37
CA GLY F 103 -18.17 10.99 19.27
C GLY F 103 -19.51 11.69 19.33
N PRO F 104 -20.15 11.67 20.52
CA PRO F 104 -21.47 12.34 20.63
C PRO F 104 -21.45 13.76 20.12
N GLU F 105 -20.33 14.47 20.30
CA GLU F 105 -20.24 15.83 19.80
C GLU F 105 -19.95 15.85 18.30
N PRO F 106 -18.79 15.36 17.82
CA PRO F 106 -18.44 15.64 16.42
C PRO F 106 -19.29 14.93 15.37
N LYS F 107 -19.18 13.61 15.25
CA LYS F 107 -19.88 12.82 14.26
C LYS F 107 -19.37 11.38 14.36
N LEU F 108 -20.04 10.50 13.65
CA LEU F 108 -19.56 9.13 13.53
C LEU F 108 -18.36 9.08 12.61
N ARG F 109 -17.33 8.33 13.02
CA ARG F 109 -16.17 8.15 12.16
C ARG F 109 -15.63 6.75 12.41
N CYS F 110 -15.33 6.04 11.32
CA CYS F 110 -14.79 4.69 11.39
C CYS F 110 -13.58 4.58 10.46
N ASP F 111 -12.64 3.70 10.83
CA ASP F 111 -11.38 3.62 10.10
C ASP F 111 -11.57 3.02 8.71
N ASP F 112 -12.31 1.93 8.61
CA ASP F 112 -12.54 1.28 7.34
C ASP F 112 -14.00 0.87 7.21
N TRP F 113 -14.47 0.85 5.96
CA TRP F 113 -15.86 0.55 5.65
C TRP F 113 -15.95 -0.46 4.52
N GLY F 114 -17.04 -1.22 4.51
CA GLY F 114 -17.35 -2.08 3.39
C GLY F 114 -17.97 -1.30 2.23
N GLN F 115 -18.25 -2.02 1.15
CA GLN F 115 -18.93 -1.40 0.01
C GLN F 115 -20.41 -1.22 0.25
N GLY F 116 -21.01 -1.92 1.20
CA GLY F 116 -22.42 -1.81 1.53
C GLY F 116 -23.25 -2.90 0.87
N THR F 117 -24.33 -3.28 1.54
CA THR F 117 -25.33 -4.17 0.98
C THR F 117 -26.69 -3.51 1.15
N GLN F 118 -27.47 -3.47 0.07
CA GLN F 118 -28.76 -2.80 0.11
C GLN F 118 -29.80 -3.72 0.72
N VAL F 119 -30.53 -3.20 1.70
CA VAL F 119 -31.65 -3.88 2.30
C VAL F 119 -32.88 -3.07 1.98
N THR F 120 -33.87 -3.69 1.33
CA THR F 120 -35.11 -3.02 0.95
C THR F 120 -36.28 -3.76 1.57
N VAL F 121 -37.08 -3.06 2.35
CA VAL F 121 -38.25 -3.66 2.99
C VAL F 121 -39.48 -3.01 2.39
N SER F 122 -40.34 -3.82 1.76
CA SER F 122 -41.55 -3.30 1.11
C SER F 122 -42.61 -4.38 0.99
#